data_6DZG
#
_entry.id   6DZG
#
_cell.length_a   59.976
_cell.length_b   70.563
_cell.length_c   89.520
_cell.angle_alpha   75.63
_cell.angle_beta   85.96
_cell.angle_gamma   64.72
#
_symmetry.space_group_name_H-M   'P 1'
#
loop_
_entity.id
_entity.type
_entity.pdbx_description
1 polymer 'Polyphosphate:ADP phosphotransferase 1'
2 non-polymer "ADENOSINE-5'-DIPHOSPHATE"
3 non-polymer D-MALATE
4 non-polymer 'ADENOSINE MONOPHOSPHATE'
5 water water
#
_entity_poly.entity_id   1
_entity_poly.type   'polypeptide(L)'
_entity_poly.pdbx_seq_one_letter_code
;(MSE)ALDEAPAEARPGSRAVELEIDGRSRIFDIDDPDLPKWIDEEAFRSDDYPYKKKLDREEYEETLTKLQIELVKVQF
W(MSE)QATGKRV(MSE)AVFEGRDAAGKGGAIHATTAN(MSE)NPRSARVVALTKPTETERGQWYFQRYVATFPTAGEF
VLFDRSWYNRAGVEPV(MSE)GFCTPDQYEQFLKEAPRFEE(MSE)IANEGIHLFKFWINIGRE(MSE)QLKRFHDRRHD
PLKIWKLSP(MSE)DIAALSKWDDYTGKRDR(MSE)LKETHTEHGPWAVIRGNDKRRSRINVIRH(MSE)LTKLDYDGKD
EAAIGEVDEKILGSGPGFLR
;
_entity_poly.pdbx_strand_id   A,B,C,D
#
# COMPACT_ATOMS: atom_id res chain seq x y z
N GLY A 13 -45.48 -4.44 1.25
CA GLY A 13 -45.90 -5.62 0.52
C GLY A 13 -45.01 -5.99 -0.66
N SER A 14 -44.23 -5.03 -1.16
CA SER A 14 -43.47 -5.24 -2.39
C SER A 14 -42.25 -6.16 -2.19
N ARG A 15 -41.80 -6.36 -0.96
CA ARG A 15 -40.65 -7.21 -0.68
C ARG A 15 -40.97 -8.35 0.27
N ALA A 16 -42.25 -8.62 0.51
CA ALA A 16 -42.64 -9.73 1.38
C ALA A 16 -42.16 -11.06 0.80
N VAL A 17 -41.71 -11.95 1.68
CA VAL A 17 -41.22 -13.27 1.29
C VAL A 17 -42.07 -14.33 1.99
N GLU A 18 -42.16 -15.50 1.36
CA GLU A 18 -42.75 -16.67 2.00
C GLU A 18 -41.62 -17.55 2.51
N LEU A 19 -41.70 -17.94 3.78
CA LEU A 19 -40.66 -18.70 4.44
C LEU A 19 -41.24 -20.00 4.98
N GLU A 20 -40.38 -20.99 5.15
CA GLU A 20 -40.73 -22.23 5.82
C GLU A 20 -40.04 -22.22 7.17
N ILE A 21 -40.84 -22.14 8.24
CA ILE A 21 -40.28 -22.11 9.58
C ILE A 21 -40.64 -23.41 10.28
N ASP A 22 -39.76 -24.39 10.16
CA ASP A 22 -39.87 -25.66 10.90
C ASP A 22 -41.20 -26.36 10.61
N GLY A 23 -41.58 -26.41 9.32
CA GLY A 23 -42.71 -27.16 8.86
C GLY A 23 -43.88 -26.33 8.37
N ARG A 24 -44.00 -25.09 8.85
CA ARG A 24 -45.12 -24.22 8.50
C ARG A 24 -44.66 -23.08 7.61
N SER A 25 -45.55 -22.67 6.70
CA SER A 25 -45.32 -21.50 5.88
C SER A 25 -45.70 -20.23 6.63
N ARG A 26 -44.90 -19.20 6.45
CA ARG A 26 -45.04 -17.93 7.14
C ARG A 26 -44.72 -16.82 6.16
N ILE A 27 -45.42 -15.69 6.27
CA ILE A 27 -45.10 -14.51 5.47
C ILE A 27 -44.30 -13.53 6.32
N PHE A 28 -43.21 -13.02 5.77
CA PHE A 28 -42.46 -11.93 6.39
C PHE A 28 -42.35 -10.77 5.42
N ASP A 29 -42.92 -9.63 5.81
CA ASP A 29 -42.85 -8.39 5.05
C ASP A 29 -42.01 -7.43 5.89
N ILE A 30 -40.74 -7.27 5.51
CA ILE A 30 -39.80 -6.46 6.27
C ILE A 30 -40.26 -5.02 6.36
N ASP A 31 -40.99 -4.54 5.35
CA ASP A 31 -41.39 -3.15 5.27
C ASP A 31 -42.67 -2.87 6.03
N ASP A 32 -43.35 -3.90 6.50
CA ASP A 32 -44.50 -3.72 7.37
C ASP A 32 -44.04 -3.34 8.77
N PRO A 33 -44.39 -2.15 9.26
CA PRO A 33 -43.89 -1.73 10.58
C PRO A 33 -44.37 -2.59 11.74
N ASP A 34 -45.41 -3.40 11.56
CA ASP A 34 -45.87 -4.31 12.60
C ASP A 34 -45.13 -5.64 12.47
N LEU A 35 -44.56 -6.10 13.57
CA LEU A 35 -43.86 -7.40 13.58
C LEU A 35 -44.84 -8.52 13.88
N PRO A 36 -44.88 -9.59 13.09
CA PRO A 36 -45.80 -10.69 13.39
C PRO A 36 -45.51 -11.31 14.74
N LYS A 37 -46.58 -11.67 15.45
CA LYS A 37 -46.45 -12.22 16.80
C LYS A 37 -45.59 -13.48 16.80
N TRP A 38 -45.67 -14.30 15.75
CA TRP A 38 -44.88 -15.53 15.73
C TRP A 38 -43.38 -15.24 15.69
N ILE A 39 -42.98 -14.05 15.29
CA ILE A 39 -41.58 -13.63 15.37
C ILE A 39 -41.27 -13.02 16.72
N ASP A 40 -42.09 -12.05 17.14
CA ASP A 40 -41.84 -11.36 18.41
C ASP A 40 -41.85 -12.33 19.59
N GLU A 41 -42.75 -13.32 19.57
CA GLU A 41 -42.86 -14.24 20.70
C GLU A 41 -41.74 -15.27 20.72
N GLU A 42 -41.16 -15.62 19.58
CA GLU A 42 -40.16 -16.69 19.54
C GLU A 42 -38.73 -16.19 19.37
N ALA A 43 -38.52 -14.90 19.11
CA ALA A 43 -37.19 -14.43 18.74
C ALA A 43 -36.16 -14.71 19.84
N PHE A 44 -36.46 -14.33 21.09
CA PHE A 44 -35.45 -14.47 22.13
C PHE A 44 -35.15 -15.94 22.42
N ARG A 45 -36.18 -16.78 22.53
CA ARG A 45 -36.00 -18.19 22.86
C ARG A 45 -35.49 -19.04 21.69
N SER A 46 -35.43 -18.50 20.48
CA SER A 46 -35.05 -19.30 19.33
C SER A 46 -33.62 -19.85 19.50
N ASP A 47 -33.29 -20.89 18.73
CA ASP A 47 -31.93 -21.44 18.69
C ASP A 47 -31.58 -22.03 20.06
N ASP A 48 -32.57 -22.65 20.70
CA ASP A 48 -32.39 -23.30 22.00
C ASP A 48 -31.76 -22.36 23.04
N TYR A 49 -32.17 -21.09 23.03
CA TYR A 49 -31.45 -20.11 23.84
C TYR A 49 -31.60 -20.44 25.33
N PRO A 50 -30.51 -20.44 26.10
CA PRO A 50 -30.56 -20.99 27.47
C PRO A 50 -31.18 -20.08 28.54
N TYR A 51 -31.51 -18.83 28.23
CA TYR A 51 -32.05 -17.91 29.24
C TYR A 51 -33.42 -17.41 28.85
N LYS A 52 -34.22 -17.04 29.86
CA LYS A 52 -35.59 -16.59 29.66
C LYS A 52 -35.69 -15.10 29.37
N LYS A 53 -34.83 -14.26 29.95
CA LYS A 53 -34.91 -12.83 29.67
C LYS A 53 -33.51 -12.25 29.45
N LYS A 54 -33.52 -11.10 28.76
CA LYS A 54 -32.36 -10.27 28.50
C LYS A 54 -31.53 -10.07 29.76
N LEU A 55 -30.20 -10.06 29.59
CA LEU A 55 -29.33 -9.59 30.66
C LEU A 55 -29.65 -8.14 30.96
N ASP A 56 -29.78 -7.83 32.25
CA ASP A 56 -30.06 -6.47 32.69
C ASP A 56 -28.98 -5.50 32.21
N ARG A 57 -29.42 -4.32 31.74
CA ARG A 57 -28.49 -3.38 31.13
C ARG A 57 -27.46 -2.89 32.14
N GLU A 58 -27.92 -2.47 33.32
CA GLU A 58 -27.01 -1.92 34.32
C GLU A 58 -25.96 -2.94 34.72
N GLU A 59 -26.37 -4.19 34.91
CA GLU A 59 -25.40 -5.25 35.15
C GLU A 59 -24.43 -5.38 34.00
N TYR A 60 -24.93 -5.30 32.76
CA TYR A 60 -24.06 -5.44 31.59
C TYR A 60 -23.01 -4.33 31.53
N GLU A 61 -23.43 -3.09 31.80
CA GLU A 61 -22.47 -1.98 31.71
C GLU A 61 -21.43 -2.07 32.81
N GLU A 62 -21.85 -2.45 34.03
CA GLU A 62 -20.89 -2.66 35.10
C GLU A 62 -19.88 -3.74 34.73
N THR A 63 -20.36 -4.88 34.20
CA THR A 63 -19.45 -5.94 33.76
C THR A 63 -18.58 -5.50 32.59
N LEU A 64 -19.16 -4.80 31.60
CA LEU A 64 -18.35 -4.35 30.47
C LEU A 64 -17.22 -3.44 30.94
N THR A 65 -17.49 -2.58 31.94
CA THR A 65 -16.44 -1.66 32.41
C THR A 65 -15.27 -2.42 33.01
N LYS A 66 -15.54 -3.46 33.81
CA LYS A 66 -14.45 -4.25 34.37
C LYS A 66 -13.66 -4.95 33.26
N LEU A 67 -14.34 -5.43 32.21
CA LEU A 67 -13.65 -6.10 31.12
C LEU A 67 -12.80 -5.12 30.32
N GLN A 68 -13.30 -3.90 30.09
CA GLN A 68 -12.53 -2.94 29.31
C GLN A 68 -11.32 -2.46 30.10
N ILE A 69 -11.44 -2.41 31.42
CA ILE A 69 -10.28 -2.08 32.24
C ILE A 69 -9.19 -3.15 32.07
N GLU A 70 -9.60 -4.43 31.99
CA GLU A 70 -8.63 -5.49 31.71
C GLU A 70 -8.05 -5.34 30.31
N LEU A 71 -8.87 -4.95 29.34
CA LEU A 71 -8.36 -4.73 28.00
C LEU A 71 -7.35 -3.59 27.94
N VAL A 72 -7.45 -2.58 28.82
CA VAL A 72 -6.38 -1.58 28.91
C VAL A 72 -5.08 -2.25 29.34
N LYS A 73 -5.15 -3.11 30.35
CA LYS A 73 -3.97 -3.88 30.74
C LYS A 73 -3.43 -4.71 29.58
N VAL A 74 -4.32 -5.39 28.84
CA VAL A 74 -3.88 -6.14 27.67
C VAL A 74 -3.08 -5.25 26.72
N GLN A 75 -3.61 -4.07 26.40
CA GLN A 75 -2.95 -3.22 25.42
C GLN A 75 -1.60 -2.75 25.92
N PHE A 76 -1.51 -2.47 27.22
CA PHE A 76 -0.22 -2.08 27.81
C PHE A 76 0.78 -3.22 27.70
N TRP A 77 0.33 -4.45 27.97
CA TRP A 77 1.21 -5.61 27.89
C TRP A 77 1.62 -5.89 26.44
N GLN A 79 2.01 -3.61 24.09
CA GLN A 79 2.97 -2.61 23.68
C GLN A 79 4.37 -2.96 24.20
N ALA A 80 4.44 -3.43 25.44
CA ALA A 80 5.73 -3.71 26.06
C ALA A 80 6.37 -4.97 25.51
N THR A 81 5.57 -5.98 25.18
CA THR A 81 6.13 -7.23 24.68
C THR A 81 6.20 -7.31 23.16
N GLY A 82 5.44 -6.49 22.44
CA GLY A 82 5.33 -6.63 21.01
C GLY A 82 4.26 -7.60 20.56
N LYS A 83 3.57 -8.26 21.49
CA LYS A 83 2.58 -9.28 21.14
C LYS A 83 1.50 -8.71 20.24
N ARG A 84 0.99 -9.53 19.32
CA ARG A 84 0.01 -9.11 18.35
C ARG A 84 -1.21 -10.01 18.45
N VAL A 85 -2.39 -9.46 18.21
CA VAL A 85 -3.62 -10.22 18.32
C VAL A 85 -4.45 -9.95 17.08
N ALA A 87 -8.49 -10.73 15.79
CA ALA A 87 -9.80 -11.22 16.21
C ALA A 87 -10.75 -11.16 15.03
N VAL A 88 -11.17 -12.33 14.53
CA VAL A 88 -12.06 -12.44 13.38
C VAL A 88 -13.50 -12.52 13.87
N PHE A 89 -14.38 -11.75 13.26
CA PHE A 89 -15.78 -11.80 13.64
C PHE A 89 -16.59 -12.21 12.42
N GLU A 90 -17.35 -13.31 12.56
CA GLU A 90 -18.24 -13.83 11.54
C GLU A 90 -19.53 -14.26 12.23
N GLY A 91 -20.53 -14.63 11.43
CA GLY A 91 -21.73 -15.20 12.03
C GLY A 91 -22.92 -15.02 11.11
N ARG A 92 -24.10 -15.27 11.70
CA ARG A 92 -25.36 -15.00 11.01
C ARG A 92 -25.48 -13.51 10.74
N ASP A 93 -26.12 -13.18 9.62
CA ASP A 93 -26.34 -11.76 9.36
C ASP A 93 -27.20 -11.18 10.47
N ALA A 94 -26.86 -9.97 10.91
CA ALA A 94 -27.50 -9.28 12.02
C ALA A 94 -27.19 -9.88 13.38
N ALA A 95 -26.16 -10.72 13.51
CA ALA A 95 -25.84 -11.29 14.81
C ALA A 95 -25.11 -10.31 15.72
N GLY A 96 -24.68 -9.16 15.21
CA GLY A 96 -24.07 -8.16 16.05
C GLY A 96 -22.55 -8.18 16.11
N LYS A 97 -21.87 -8.51 15.02
CA LYS A 97 -20.41 -8.53 15.11
C LYS A 97 -19.83 -7.14 15.28
N GLY A 98 -20.45 -6.12 14.70
CA GLY A 98 -19.94 -4.77 14.93
C GLY A 98 -20.10 -4.33 16.38
N GLY A 99 -21.21 -4.74 17.01
CA GLY A 99 -21.39 -4.44 18.41
C GLY A 99 -20.34 -5.10 19.29
N ALA A 100 -19.96 -6.35 18.96
CA ALA A 100 -18.89 -6.97 19.73
C ALA A 100 -17.57 -6.25 19.49
N ILE A 101 -17.35 -5.76 18.26
CA ILE A 101 -16.12 -5.02 17.99
C ILE A 101 -16.12 -3.68 18.73
N HIS A 102 -17.23 -2.95 18.72
N HIS A 102 -17.24 -2.96 18.72
CA HIS A 102 -17.22 -1.68 19.45
CA HIS A 102 -17.30 -1.69 19.44
C HIS A 102 -17.00 -1.92 20.95
C HIS A 102 -17.06 -1.88 20.93
N ALA A 103 -17.64 -2.94 21.51
CA ALA A 103 -17.46 -3.19 22.95
C ALA A 103 -16.03 -3.53 23.28
N THR A 104 -15.30 -4.14 22.33
CA THR A 104 -13.89 -4.44 22.56
C THR A 104 -13.03 -3.19 22.43
N THR A 105 -13.30 -2.34 21.42
CA THR A 105 -12.38 -1.25 21.10
C THR A 105 -12.74 0.08 21.76
N ALA A 106 -13.86 0.16 22.48
CA ALA A 106 -14.36 1.45 22.95
C ALA A 106 -13.32 2.21 23.76
N ASN A 107 -12.51 1.51 24.55
CA ASN A 107 -11.50 2.17 25.37
C ASN A 107 -10.11 1.64 25.08
N ASN A 109 -6.68 2.27 22.34
CA ASN A 109 -6.04 3.37 21.63
C ASN A 109 -6.22 3.16 20.14
N PRO A 110 -6.80 4.10 19.40
CA PRO A 110 -7.00 3.87 17.97
C PRO A 110 -5.71 3.75 17.18
N ARG A 111 -4.56 4.08 17.76
CA ARG A 111 -3.32 3.94 17.02
C ARG A 111 -2.72 2.54 17.15
N SER A 112 -3.18 1.72 18.09
CA SER A 112 -2.71 0.36 18.19
C SER A 112 -3.80 -0.69 18.08
N ALA A 113 -5.07 -0.30 18.09
CA ALA A 113 -6.19 -1.22 17.89
C ALA A 113 -6.98 -0.69 16.71
N ARG A 114 -7.15 -1.51 15.70
CA ARG A 114 -7.81 -1.05 14.48
C ARG A 114 -8.71 -2.14 13.93
N VAL A 115 -9.70 -1.70 13.16
CA VAL A 115 -10.74 -2.57 12.62
C VAL A 115 -10.56 -2.66 11.12
N VAL A 116 -10.60 -3.87 10.60
CA VAL A 116 -10.56 -4.11 9.16
C VAL A 116 -11.99 -4.40 8.67
N ALA A 117 -12.47 -3.61 7.71
CA ALA A 117 -13.82 -3.82 7.17
C ALA A 117 -13.73 -3.61 5.65
N LEU A 118 -13.25 -4.64 4.96
CA LEU A 118 -12.95 -4.47 3.54
C LEU A 118 -14.25 -4.47 2.73
N THR A 119 -14.19 -3.78 1.59
CA THR A 119 -15.25 -3.77 0.60
C THR A 119 -14.99 -4.85 -0.44
N LYS A 120 -15.86 -4.92 -1.44
CA LYS A 120 -15.75 -6.03 -2.37
C LYS A 120 -14.49 -5.88 -3.21
N PRO A 121 -13.90 -7.00 -3.61
CA PRO A 121 -12.58 -6.93 -4.26
C PRO A 121 -12.63 -6.24 -5.61
N THR A 122 -11.60 -5.44 -5.88
CA THR A 122 -11.40 -4.85 -7.19
C THR A 122 -11.01 -5.94 -8.19
N GLU A 123 -10.92 -5.56 -9.47
CA GLU A 123 -10.51 -6.55 -10.46
C GLU A 123 -9.10 -7.06 -10.15
N THR A 124 -8.21 -6.18 -9.70
CA THR A 124 -6.84 -6.58 -9.38
C THR A 124 -6.82 -7.59 -8.24
N GLU A 125 -7.60 -7.31 -7.19
CA GLU A 125 -7.68 -8.20 -6.04
C GLU A 125 -8.29 -9.56 -6.41
N ARG A 126 -9.26 -9.57 -7.33
CA ARG A 126 -9.90 -10.83 -7.72
C ARG A 126 -8.95 -11.74 -8.48
N GLY A 127 -7.92 -11.19 -9.13
CA GLY A 127 -6.89 -11.99 -9.75
C GLY A 127 -5.72 -12.35 -8.86
N GLN A 128 -5.71 -11.86 -7.62
CA GLN A 128 -4.65 -12.17 -6.66
C GLN A 128 -4.99 -13.43 -5.88
N TRP A 129 -3.97 -13.96 -5.24
CA TRP A 129 -4.17 -14.87 -4.13
C TRP A 129 -5.24 -14.31 -3.22
N TYR A 130 -6.27 -15.11 -2.95
CA TYR A 130 -7.41 -14.59 -2.19
C TYR A 130 -6.97 -13.94 -0.89
N PHE A 131 -5.92 -14.49 -0.27
CA PHE A 131 -5.55 -14.00 1.04
C PHE A 131 -4.71 -12.74 1.01
N GLN A 132 -4.17 -12.38 -0.15
CA GLN A 132 -3.20 -11.28 -0.22
C GLN A 132 -3.72 -9.98 0.40
N ARG A 133 -4.95 -9.57 0.07
CA ARG A 133 -5.43 -8.29 0.58
C ARG A 133 -5.73 -8.32 2.07
N TYR A 134 -5.87 -9.52 2.65
CA TYR A 134 -5.97 -9.63 4.10
C TYR A 134 -4.60 -9.59 4.78
N VAL A 135 -3.57 -10.14 4.12
CA VAL A 135 -2.23 -10.07 4.69
C VAL A 135 -1.79 -8.62 4.77
N ALA A 136 -2.27 -7.79 3.84
CA ALA A 136 -1.93 -6.37 3.83
C ALA A 136 -2.36 -5.64 5.10
N THR A 137 -3.31 -6.21 5.84
CA THR A 137 -3.82 -5.60 7.06
C THR A 137 -3.24 -6.18 8.35
N PHE A 138 -2.30 -7.14 8.24
CA PHE A 138 -1.79 -7.88 9.39
C PHE A 138 -1.07 -6.94 10.36
N PRO A 139 -0.93 -7.35 11.62
CA PRO A 139 -0.41 -6.43 12.64
C PRO A 139 1.11 -6.38 12.67
N THR A 140 1.63 -5.19 12.97
CA THR A 140 3.01 -5.03 13.39
C THR A 140 3.03 -5.13 14.92
N ALA A 141 4.21 -4.99 15.53
CA ALA A 141 4.35 -5.21 16.97
C ALA A 141 3.30 -4.45 17.77
N GLY A 142 2.66 -5.14 18.70
CA GLY A 142 1.76 -4.51 19.65
C GLY A 142 0.36 -4.26 19.15
N GLU A 143 0.06 -4.57 17.89
CA GLU A 143 -1.22 -4.21 17.31
C GLU A 143 -2.27 -5.27 17.59
N PHE A 144 -3.51 -4.80 17.80
CA PHE A 144 -4.69 -5.63 18.00
C PHE A 144 -5.58 -5.31 16.80
N VAL A 145 -5.75 -6.28 15.89
CA VAL A 145 -6.49 -6.05 14.65
C VAL A 145 -7.76 -6.87 14.71
N LEU A 146 -8.89 -6.21 14.44
CA LEU A 146 -10.18 -6.86 14.50
C LEU A 146 -10.80 -6.86 13.11
N PHE A 147 -11.34 -8.01 12.69
CA PHE A 147 -11.91 -8.16 11.36
C PHE A 147 -13.43 -8.22 11.45
N ASP A 148 -14.08 -7.21 10.87
CA ASP A 148 -15.53 -7.16 10.73
C ASP A 148 -15.85 -7.84 9.39
N ARG A 149 -16.02 -9.16 9.46
CA ARG A 149 -15.94 -10.11 8.33
C ARG A 149 -14.47 -10.27 7.92
N SER A 150 -14.15 -11.31 7.17
CA SER A 150 -12.74 -11.67 7.05
C SER A 150 -12.54 -12.44 5.76
N TRP A 151 -11.45 -13.21 5.69
CA TRP A 151 -11.29 -14.13 4.59
C TRP A 151 -12.40 -15.18 4.56
N TYR A 152 -13.13 -15.36 5.66
CA TYR A 152 -14.25 -16.29 5.67
C TYR A 152 -15.46 -15.81 4.88
N ASN A 153 -15.38 -14.64 4.24
CA ASN A 153 -16.37 -14.32 3.19
C ASN A 153 -16.52 -15.49 2.21
N ARG A 154 -15.41 -16.13 1.85
CA ARG A 154 -15.47 -17.15 0.81
C ARG A 154 -16.05 -18.47 1.32
N ALA A 155 -16.39 -18.58 2.60
CA ALA A 155 -17.08 -19.74 3.13
C ALA A 155 -18.53 -19.45 3.48
N GLY A 156 -19.00 -18.23 3.23
CA GLY A 156 -20.38 -17.86 3.49
C GLY A 156 -21.01 -17.08 2.37
N VAL A 157 -20.92 -15.75 2.45
CA VAL A 157 -21.66 -14.88 1.55
C VAL A 157 -21.26 -15.12 0.09
N GLU A 158 -19.97 -15.33 -0.20
CA GLU A 158 -19.58 -15.51 -1.59
C GLU A 158 -20.19 -16.76 -2.22
N PRO A 159 -20.02 -17.97 -1.69
CA PRO A 159 -20.69 -19.13 -2.31
C PRO A 159 -22.20 -19.07 -2.24
N VAL A 160 -22.79 -18.49 -1.19
CA VAL A 160 -24.25 -18.44 -1.16
C VAL A 160 -24.78 -17.54 -2.28
N GLY A 162 -23.16 -16.66 -5.07
CA GLY A 162 -22.48 -16.90 -6.33
C GLY A 162 -21.43 -15.88 -6.71
N PHE A 163 -20.74 -15.29 -5.72
CA PHE A 163 -19.63 -14.36 -5.98
C PHE A 163 -18.30 -15.08 -6.11
N CYS A 164 -18.27 -16.38 -5.88
CA CYS A 164 -17.10 -17.20 -6.11
C CYS A 164 -17.58 -18.52 -6.68
N THR A 165 -16.67 -19.24 -7.35
CA THR A 165 -17.07 -20.51 -7.94
C THR A 165 -17.03 -21.60 -6.88
N PRO A 166 -17.69 -22.74 -7.12
CA PRO A 166 -17.52 -23.88 -6.19
C PRO A 166 -16.08 -24.34 -6.08
N ASP A 167 -15.33 -24.39 -7.18
CA ASP A 167 -13.89 -24.69 -7.08
C ASP A 167 -13.21 -23.71 -6.12
N GLN A 168 -13.53 -22.42 -6.23
CA GLN A 168 -12.89 -21.46 -5.34
C GLN A 168 -13.27 -21.69 -3.89
N TYR A 169 -14.53 -22.05 -3.65
CA TYR A 169 -15.02 -22.37 -2.31
C TYR A 169 -14.29 -23.56 -1.73
N GLU A 170 -14.24 -24.67 -2.46
CA GLU A 170 -13.54 -25.85 -1.98
C GLU A 170 -12.06 -25.55 -1.75
N GLN A 171 -11.45 -24.77 -2.64
CA GLN A 171 -10.06 -24.38 -2.44
C GLN A 171 -9.88 -23.61 -1.15
N PHE A 172 -10.81 -22.69 -0.85
CA PHE A 172 -10.67 -21.89 0.37
C PHE A 172 -10.74 -22.77 1.61
N LEU A 173 -11.69 -23.72 1.64
CA LEU A 173 -11.78 -24.57 2.83
C LEU A 173 -10.49 -25.33 3.08
N LYS A 174 -9.77 -25.71 2.02
CA LYS A 174 -8.50 -26.42 2.21
C LYS A 174 -7.36 -25.48 2.59
N GLU A 175 -7.41 -24.25 2.10
CA GLU A 175 -6.28 -23.34 2.26
C GLU A 175 -6.34 -22.52 3.53
N ALA A 176 -7.53 -22.18 4.01
CA ALA A 176 -7.61 -21.39 5.24
C ALA A 176 -6.89 -22.04 6.42
N PRO A 177 -7.01 -23.34 6.69
CA PRO A 177 -6.23 -23.90 7.82
C PRO A 177 -4.73 -23.73 7.63
N ARG A 178 -4.24 -23.81 6.40
CA ARG A 178 -2.82 -23.61 6.15
C ARG A 178 -2.43 -22.15 6.39
N PHE A 179 -3.31 -21.23 6.02
CA PHE A 179 -3.08 -19.81 6.26
C PHE A 179 -2.96 -19.52 7.75
N GLU A 180 -3.88 -20.08 8.54
CA GLU A 180 -3.91 -19.83 9.98
C GLU A 180 -2.82 -20.59 10.73
N GLU A 181 -2.34 -21.70 10.17
CA GLU A 181 -1.16 -22.34 10.74
C GLU A 181 0.05 -21.41 10.70
N ILE A 183 -0.13 -18.04 10.55
CA ILE A 183 -0.38 -16.97 11.52
C ILE A 183 0.03 -17.42 12.92
N ALA A 184 -0.44 -18.61 13.32
CA ALA A 184 -0.16 -19.10 14.66
C ALA A 184 1.33 -19.38 14.87
N ASN A 185 2.01 -19.93 13.85
CA ASN A 185 3.43 -20.20 14.03
C ASN A 185 4.23 -18.91 14.12
N GLU A 186 3.71 -17.82 13.54
CA GLU A 186 4.35 -16.50 13.66
C GLU A 186 4.21 -15.93 15.07
N GLY A 187 3.32 -16.48 15.87
CA GLY A 187 3.10 -15.99 17.21
C GLY A 187 2.07 -14.90 17.33
N ILE A 188 1.32 -14.62 16.26
CA ILE A 188 0.14 -13.78 16.34
C ILE A 188 -0.99 -14.60 16.94
N HIS A 189 -1.60 -14.10 17.99
CA HIS A 189 -2.71 -14.83 18.59
C HIS A 189 -3.98 -14.56 17.81
N LEU A 190 -4.56 -15.61 17.23
CA LEU A 190 -5.72 -15.51 16.35
C LEU A 190 -6.94 -16.02 17.07
N PHE A 191 -7.93 -15.14 17.27
CA PHE A 191 -9.26 -15.52 17.76
C PHE A 191 -10.20 -15.54 16.57
N LYS A 192 -11.11 -16.52 16.55
CA LYS A 192 -12.17 -16.58 15.54
C LYS A 192 -13.49 -16.76 16.25
N PHE A 193 -14.42 -15.84 16.04
CA PHE A 193 -15.71 -15.85 16.72
C PHE A 193 -16.81 -16.01 15.69
N TRP A 194 -17.61 -17.06 15.84
CA TRP A 194 -18.86 -17.23 15.08
C TRP A 194 -20.03 -16.89 16.01
N ILE A 195 -20.75 -15.80 15.70
CA ILE A 195 -21.90 -15.39 16.52
C ILE A 195 -23.17 -15.88 15.83
N ASN A 196 -23.86 -16.82 16.45
CA ASN A 196 -25.09 -17.38 15.92
C ASN A 196 -26.29 -16.63 16.48
N ILE A 197 -27.40 -16.67 15.75
CA ILE A 197 -28.70 -16.26 16.28
C ILE A 197 -29.75 -17.17 15.68
N GLY A 198 -30.89 -17.25 16.35
CA GLY A 198 -32.01 -18.03 15.83
C GLY A 198 -32.68 -17.31 14.67
N ARG A 199 -33.43 -18.09 13.88
CA ARG A 199 -34.01 -17.55 12.65
C ARG A 199 -34.96 -16.41 12.96
N GLU A 200 -35.81 -16.58 13.98
CA GLU A 200 -36.75 -15.54 14.32
C GLU A 200 -36.04 -14.31 14.88
N GLN A 202 -33.13 -13.31 13.82
CA GLN A 202 -32.61 -12.61 12.64
C GLN A 202 -33.69 -11.76 11.99
N LEU A 203 -34.90 -12.29 11.87
CA LEU A 203 -36.00 -11.54 11.25
C LEU A 203 -36.34 -10.32 12.08
N LYS A 204 -36.47 -10.49 13.40
CA LYS A 204 -36.78 -9.37 14.27
C LYS A 204 -35.70 -8.28 14.19
N ARG A 205 -34.43 -8.68 14.17
CA ARG A 205 -33.36 -7.67 14.06
C ARG A 205 -33.37 -6.98 12.68
N PHE A 206 -33.58 -7.73 11.60
CA PHE A 206 -33.77 -7.11 10.29
C PHE A 206 -34.92 -6.11 10.32
N HIS A 207 -36.06 -6.52 10.91
CA HIS A 207 -37.21 -5.63 10.98
C HIS A 207 -36.92 -4.40 11.83
N ASP A 208 -36.28 -4.58 12.99
CA ASP A 208 -35.96 -3.45 13.85
C ASP A 208 -35.05 -2.47 13.14
N ARG A 209 -34.04 -2.98 12.44
CA ARG A 209 -33.14 -2.11 11.71
C ARG A 209 -33.87 -1.36 10.61
N ARG A 210 -34.74 -2.06 9.86
CA ARG A 210 -35.45 -1.42 8.76
C ARG A 210 -36.29 -0.23 9.21
N HIS A 211 -36.86 -0.30 10.41
CA HIS A 211 -37.81 0.70 10.87
C HIS A 211 -37.22 1.67 11.90
N ASP A 212 -35.90 1.65 12.07
CA ASP A 212 -35.24 2.61 12.96
C ASP A 212 -34.37 3.50 12.10
N PRO A 213 -34.69 4.79 11.95
CA PRO A 213 -33.88 5.65 11.06
C PRO A 213 -32.42 5.70 11.43
N LEU A 214 -32.10 5.39 12.68
CA LEU A 214 -30.73 5.40 13.18
C LEU A 214 -29.97 4.13 12.83
N LYS A 215 -30.68 3.02 12.57
CA LYS A 215 -30.03 1.75 12.32
C LYS A 215 -30.31 1.19 10.93
N ILE A 216 -31.07 1.89 10.10
CA ILE A 216 -31.36 1.38 8.77
C ILE A 216 -30.09 1.24 7.94
N TRP A 217 -29.02 1.98 8.26
CA TRP A 217 -27.76 1.78 7.55
C TRP A 217 -27.27 0.35 7.67
N LYS A 218 -27.62 -0.33 8.77
CA LYS A 218 -27.17 -1.69 9.01
C LYS A 218 -27.76 -2.70 8.03
N LEU A 219 -28.79 -2.33 7.26
CA LEU A 219 -29.36 -3.23 6.26
C LEU A 219 -28.68 -3.01 4.92
N SER A 220 -28.62 -4.08 4.14
CA SER A 220 -28.02 -4.03 2.82
C SER A 220 -28.73 -5.02 1.93
N PRO A 221 -28.57 -4.91 0.60
CA PRO A 221 -29.17 -5.93 -0.27
C PRO A 221 -28.66 -7.35 0.03
N ASP A 223 -28.17 -8.52 3.12
CA ASP A 223 -29.10 -8.92 4.17
C ASP A 223 -30.47 -9.27 3.56
N ILE A 224 -31.00 -8.38 2.73
CA ILE A 224 -32.29 -8.62 2.10
C ILE A 224 -32.29 -9.98 1.41
N ALA A 225 -31.23 -10.27 0.67
CA ALA A 225 -31.15 -11.56 -0.02
C ALA A 225 -31.01 -12.72 0.96
N ALA A 226 -30.34 -12.49 2.09
CA ALA A 226 -30.16 -13.55 3.08
C ALA A 226 -31.49 -14.06 3.64
N LEU A 227 -32.56 -13.29 3.50
CA LEU A 227 -33.87 -13.72 4.00
C LEU A 227 -34.24 -15.09 3.45
N SER A 228 -34.07 -15.27 2.14
CA SER A 228 -34.52 -16.45 1.43
C SER A 228 -33.48 -17.56 1.37
N LYS A 229 -32.38 -17.41 2.10
CA LYS A 229 -31.25 -18.32 1.95
C LYS A 229 -30.79 -18.86 3.31
N TRP A 230 -31.72 -18.95 4.26
CA TRP A 230 -31.35 -19.34 5.62
C TRP A 230 -30.71 -20.73 5.65
N ASP A 231 -31.36 -21.72 5.04
CA ASP A 231 -30.83 -23.09 5.05
C ASP A 231 -29.50 -23.18 4.32
N ASP A 232 -29.28 -22.38 3.28
CA ASP A 232 -27.99 -22.36 2.61
C ASP A 232 -26.89 -21.88 3.54
N TYR A 233 -27.13 -20.76 4.24
CA TYR A 233 -26.14 -20.27 5.18
C TYR A 233 -25.91 -21.26 6.32
N THR A 234 -26.94 -22.04 6.69
CA THR A 234 -26.79 -23.03 7.74
C THR A 234 -25.78 -24.09 7.34
N GLY A 235 -25.93 -24.66 6.14
CA GLY A 235 -24.98 -25.67 5.69
C GLY A 235 -23.59 -25.12 5.45
N LYS A 236 -23.48 -23.90 4.94
CA LYS A 236 -22.16 -23.28 4.78
C LYS A 236 -21.51 -23.04 6.14
N ARG A 237 -22.30 -22.71 7.16
CA ARG A 237 -21.76 -22.53 8.50
C ARG A 237 -21.22 -23.86 9.02
N ASP A 238 -22.02 -24.92 8.88
CA ASP A 238 -21.64 -26.24 9.41
C ASP A 238 -20.39 -26.76 8.70
N ARG A 239 -20.37 -26.67 7.37
CA ARG A 239 -19.22 -27.12 6.61
C ARG A 239 -17.98 -26.35 7.00
N LEU A 241 -17.33 -24.61 9.88
CA LEU A 241 -16.88 -24.94 11.24
C LEU A 241 -16.22 -26.31 11.28
N LYS A 242 -16.76 -27.27 10.51
CA LYS A 242 -16.17 -28.60 10.46
C LYS A 242 -14.77 -28.58 9.85
N GLU A 243 -14.62 -27.90 8.71
CA GLU A 243 -13.38 -28.00 7.93
C GLU A 243 -12.29 -27.03 8.39
N THR A 244 -12.63 -25.97 9.11
CA THR A 244 -11.64 -24.96 9.47
C THR A 244 -11.48 -24.77 10.97
N HIS A 245 -12.11 -25.61 11.80
CA HIS A 245 -11.81 -25.63 13.23
C HIS A 245 -10.57 -26.50 13.42
N THR A 246 -9.43 -25.88 13.70
CA THR A 246 -8.19 -26.64 13.89
C THR A 246 -7.50 -26.20 15.16
N GLU A 247 -6.48 -26.97 15.56
CA GLU A 247 -5.70 -26.62 16.74
C GLU A 247 -5.11 -25.23 16.61
N HIS A 248 -4.53 -24.90 15.45
CA HIS A 248 -3.93 -23.59 15.25
C HIS A 248 -4.97 -22.51 15.05
N GLY A 249 -6.14 -22.86 14.53
CA GLY A 249 -7.19 -21.89 14.30
C GLY A 249 -8.55 -22.40 14.79
N PRO A 250 -8.74 -22.38 16.11
CA PRO A 250 -10.02 -22.85 16.66
C PRO A 250 -11.13 -21.82 16.56
N TRP A 251 -12.35 -22.31 16.37
CA TRP A 251 -13.53 -21.45 16.30
C TRP A 251 -14.17 -21.36 17.68
N ALA A 252 -14.37 -20.13 18.16
CA ALA A 252 -15.22 -19.89 19.31
C ALA A 252 -16.61 -19.59 18.81
N VAL A 253 -17.60 -20.32 19.30
CA VAL A 253 -18.95 -20.28 18.76
C VAL A 253 -19.91 -19.75 19.82
N ILE A 254 -20.71 -18.75 19.44
CA ILE A 254 -21.49 -17.95 20.37
C ILE A 254 -22.98 -18.08 20.03
N ARG A 255 -23.79 -18.36 21.05
CA ARG A 255 -25.23 -18.15 20.96
C ARG A 255 -25.49 -16.69 21.27
N GLY A 256 -25.87 -15.91 20.26
CA GLY A 256 -25.84 -14.46 20.34
C GLY A 256 -27.18 -13.79 20.48
N ASN A 257 -28.26 -14.51 20.77
CA ASN A 257 -29.60 -13.91 20.85
C ASN A 257 -29.62 -12.73 21.83
N ASP A 258 -28.82 -12.77 22.88
CA ASP A 258 -28.71 -11.67 23.82
C ASP A 258 -27.41 -10.96 23.49
N LYS A 259 -27.51 -9.76 22.89
CA LYS A 259 -26.30 -9.07 22.48
C LYS A 259 -25.38 -8.74 23.65
N ARG A 260 -25.96 -8.53 24.84
CA ARG A 260 -25.12 -8.17 25.99
C ARG A 260 -24.33 -9.37 26.47
N ARG A 261 -24.96 -10.55 26.50
CA ARG A 261 -24.23 -11.74 26.89
C ARG A 261 -23.23 -12.13 25.82
N SER A 262 -23.55 -11.88 24.55
CA SER A 262 -22.59 -12.13 23.47
C SER A 262 -21.32 -11.32 23.66
N ARG A 263 -21.46 -10.01 23.85
CA ARG A 263 -20.29 -9.14 23.94
C ARG A 263 -19.43 -9.48 25.16
N ILE A 264 -20.07 -9.74 26.31
CA ILE A 264 -19.33 -10.03 27.53
C ILE A 264 -18.52 -11.31 27.37
N ASN A 265 -19.10 -12.34 26.76
CA ASN A 265 -18.40 -13.62 26.72
C ASN A 265 -17.33 -13.66 25.65
N VAL A 266 -17.52 -12.93 24.54
CA VAL A 266 -16.44 -12.72 23.58
C VAL A 266 -15.22 -12.12 24.27
N ILE A 267 -15.43 -11.07 25.06
CA ILE A 267 -14.27 -10.40 25.64
C ILE A 267 -13.67 -11.28 26.73
N ARG A 268 -14.52 -11.91 27.53
CA ARG A 268 -14.04 -12.82 28.56
C ARG A 268 -13.18 -13.91 27.97
N HIS A 269 -13.57 -14.42 26.79
CA HIS A 269 -12.82 -15.50 26.16
C HIS A 269 -11.41 -15.04 25.82
N LEU A 271 -9.80 -12.49 27.13
CA LEU A 271 -9.05 -12.18 28.35
C LEU A 271 -8.53 -13.45 29.03
N THR A 272 -9.34 -14.52 28.99
CA THR A 272 -8.96 -15.81 29.56
C THR A 272 -7.78 -16.42 28.81
N LYS A 273 -7.78 -16.31 27.48
CA LYS A 273 -6.71 -16.91 26.69
C LYS A 273 -5.43 -16.11 26.66
N LEU A 274 -5.44 -14.85 27.07
CA LEU A 274 -4.24 -14.02 27.02
C LEU A 274 -3.59 -13.96 28.41
N ASP A 275 -2.29 -14.21 28.48
CA ASP A 275 -1.58 -14.23 29.76
C ASP A 275 -0.92 -12.88 29.99
N TYR A 276 -1.76 -11.85 30.16
CA TYR A 276 -1.25 -10.49 30.18
C TYR A 276 -0.88 -10.03 31.59
N ASP A 277 0.00 -9.04 31.64
CA ASP A 277 0.45 -8.45 32.88
C ASP A 277 -0.70 -7.76 33.63
N GLY A 278 -0.79 -8.01 34.93
CA GLY A 278 -1.81 -7.40 35.76
C GLY A 278 -3.16 -8.08 35.72
N LYS A 279 -3.25 -9.24 35.08
CA LYS A 279 -4.53 -9.92 34.88
C LYS A 279 -5.22 -10.20 36.20
N ASP A 280 -6.48 -9.74 36.31
CA ASP A 280 -7.31 -9.95 37.50
C ASP A 280 -8.44 -10.91 37.12
N GLU A 281 -8.27 -12.18 37.47
CA GLU A 281 -9.26 -13.18 37.11
C GLU A 281 -10.58 -12.96 37.83
N ALA A 282 -10.56 -12.33 39.00
CA ALA A 282 -11.82 -12.05 39.69
C ALA A 282 -12.64 -11.01 38.92
N ALA A 283 -11.98 -10.02 38.30
CA ALA A 283 -12.70 -9.02 37.52
C ALA A 283 -13.21 -9.59 36.21
N ILE A 284 -12.43 -10.47 35.57
CA ILE A 284 -12.83 -11.06 34.29
C ILE A 284 -14.15 -11.81 34.44
N GLY A 285 -14.30 -12.57 35.53
CA GLY A 285 -15.39 -13.49 35.63
C GLY A 285 -15.11 -14.78 34.88
N GLU A 286 -16.14 -15.62 34.81
CA GLU A 286 -16.07 -16.89 34.11
C GLU A 286 -16.79 -16.79 32.78
N VAL A 287 -16.18 -17.36 31.74
CA VAL A 287 -16.88 -17.52 30.48
C VAL A 287 -18.08 -18.41 30.70
N ASP A 288 -19.24 -17.98 30.19
CA ASP A 288 -20.49 -18.72 30.35
C ASP A 288 -20.53 -19.84 29.31
N GLU A 289 -20.41 -21.09 29.77
CA GLU A 289 -20.37 -22.23 28.87
C GLU A 289 -21.69 -22.48 28.14
N LYS A 290 -22.79 -21.91 28.62
CA LYS A 290 -24.07 -22.00 27.90
C LYS A 290 -24.14 -21.07 26.71
N ILE A 291 -23.24 -20.10 26.64
CA ILE A 291 -23.24 -19.07 25.61
C ILE A 291 -22.10 -19.27 24.62
N LEU A 292 -20.90 -19.60 25.10
CA LEU A 292 -19.69 -19.68 24.28
C LEU A 292 -19.14 -21.09 24.34
N GLY A 293 -18.98 -21.71 23.17
CA GLY A 293 -18.47 -23.08 23.08
C GLY A 293 -17.41 -23.16 22.02
N SER A 294 -16.97 -24.37 21.68
CA SER A 294 -15.83 -24.54 20.78
C SER A 294 -16.18 -25.46 19.63
N GLY A 295 -15.88 -25.02 18.40
CA GLY A 295 -15.83 -25.89 17.25
C GLY A 295 -17.21 -26.32 16.76
N PRO A 296 -17.24 -27.30 15.86
CA PRO A 296 -18.53 -27.79 15.36
C PRO A 296 -19.25 -28.60 16.42
N GLY A 297 -20.57 -28.64 16.29
CA GLY A 297 -21.39 -29.46 17.16
C GLY A 297 -21.86 -28.78 18.43
N PHE A 298 -21.32 -27.60 18.77
CA PHE A 298 -21.86 -26.85 19.89
C PHE A 298 -23.25 -26.32 19.59
N LEU A 299 -23.47 -25.82 18.38
CA LEU A 299 -24.80 -25.40 18.00
C LEU A 299 -25.59 -26.58 17.45
N ARG A 300 -26.89 -26.52 17.59
CA ARG A 300 -27.74 -27.52 16.99
C ARG A 300 -28.09 -27.09 15.56
N GLY B 13 5.97 14.74 45.22
CA GLY B 13 5.52 14.19 43.95
C GLY B 13 6.60 14.17 42.88
N SER B 14 6.82 13.00 42.28
CA SER B 14 7.93 12.85 41.34
C SER B 14 7.63 13.54 40.01
N ARG B 15 6.38 13.48 39.56
CA ARG B 15 5.98 14.08 38.29
C ARG B 15 5.41 15.48 38.44
N ALA B 16 5.44 16.04 39.64
CA ALA B 16 4.85 17.35 39.88
C ALA B 16 5.62 18.44 39.14
N VAL B 17 4.89 19.34 38.49
CA VAL B 17 5.46 20.39 37.67
C VAL B 17 5.06 21.75 38.25
N GLU B 18 5.95 22.73 38.10
CA GLU B 18 5.65 24.12 38.44
C GLU B 18 5.12 24.85 37.21
N LEU B 19 4.10 25.69 37.42
CA LEU B 19 3.43 26.37 36.34
C LEU B 19 3.15 27.82 36.71
N GLU B 20 3.16 28.69 35.70
CA GLU B 20 2.83 30.10 35.87
C GLU B 20 1.45 30.35 35.26
N ILE B 21 0.43 30.32 36.12
CA ILE B 21 -0.94 30.59 35.70
C ILE B 21 -1.24 32.06 35.98
N ASP B 22 -0.85 32.93 35.04
CA ASP B 22 -1.03 34.37 35.16
C ASP B 22 -0.46 34.90 36.46
N GLY B 23 0.86 35.08 36.51
CA GLY B 23 1.54 35.66 37.65
C GLY B 23 1.56 34.79 38.89
N ARG B 24 0.62 33.86 38.99
CA ARG B 24 0.49 33.01 40.17
C ARG B 24 1.29 31.72 39.98
N SER B 25 2.12 31.40 40.96
CA SER B 25 2.88 30.14 40.96
C SER B 25 2.00 29.01 41.48
N ARG B 26 1.84 27.97 40.66
CA ARG B 26 1.05 26.80 41.04
C ARG B 26 1.88 25.54 40.84
N ILE B 27 1.64 24.55 41.70
CA ILE B 27 2.21 23.22 41.57
C ILE B 27 1.08 22.26 41.20
N PHE B 28 1.34 21.40 40.22
CA PHE B 28 0.39 20.37 39.82
C PHE B 28 1.09 19.03 39.91
N ASP B 29 0.57 18.14 40.75
CA ASP B 29 1.05 16.76 40.84
C ASP B 29 -0.05 15.88 40.29
N ILE B 30 0.14 15.39 39.06
CA ILE B 30 -0.90 14.63 38.37
C ILE B 30 -1.18 13.33 39.11
N ASP B 31 -0.21 12.80 39.84
CA ASP B 31 -0.34 11.57 40.60
C ASP B 31 -1.06 11.77 41.93
N ASP B 32 -1.18 13.01 42.39
CA ASP B 32 -1.96 13.30 43.57
C ASP B 32 -3.43 13.04 43.26
N PRO B 33 -4.07 12.07 43.91
CA PRO B 33 -5.48 11.79 43.60
C PRO B 33 -6.41 12.95 43.92
N ASP B 34 -5.98 13.91 44.73
CA ASP B 34 -6.81 15.06 45.07
C ASP B 34 -6.55 16.20 44.11
N LEU B 35 -7.61 16.70 43.49
CA LEU B 35 -7.51 17.85 42.60
C LEU B 35 -7.57 19.14 43.43
N PRO B 36 -6.63 20.07 43.26
CA PRO B 36 -6.67 21.28 44.06
C PRO B 36 -7.80 22.20 43.62
N LYS B 37 -8.17 23.12 44.53
CA LYS B 37 -9.35 23.95 44.33
C LYS B 37 -9.21 24.89 43.14
N TRP B 38 -8.00 25.39 42.85
CA TRP B 38 -7.84 26.34 41.76
C TRP B 38 -8.04 25.70 40.39
N ILE B 39 -7.91 24.38 40.29
CA ILE B 39 -8.31 23.68 39.07
C ILE B 39 -9.79 23.29 39.13
N ASP B 40 -10.20 22.68 40.25
CA ASP B 40 -11.59 22.30 40.43
C ASP B 40 -12.53 23.47 40.18
N GLU B 41 -12.22 24.64 40.75
CA GLU B 41 -13.12 25.79 40.64
C GLU B 41 -13.08 26.49 39.28
N GLU B 42 -12.00 26.39 38.52
CA GLU B 42 -11.86 27.19 37.31
C GLU B 42 -11.88 26.38 36.02
N ALA B 43 -11.97 25.05 36.11
CA ALA B 43 -11.84 24.22 34.91
C ALA B 43 -12.94 24.53 33.90
N PHE B 44 -14.20 24.53 34.33
CA PHE B 44 -15.29 24.64 33.36
C PHE B 44 -15.43 26.06 32.83
N ARG B 45 -15.16 27.05 33.68
CA ARG B 45 -15.28 28.47 33.32
C ARG B 45 -14.05 29.02 32.60
N SER B 46 -13.01 28.22 32.39
CA SER B 46 -11.81 28.72 31.75
C SER B 46 -12.04 28.94 30.25
N ASP B 47 -11.12 29.67 29.61
CA ASP B 47 -11.19 29.92 28.16
C ASP B 47 -12.42 30.74 27.80
N ASP B 48 -12.86 31.60 28.73
CA ASP B 48 -14.07 32.43 28.55
C ASP B 48 -15.26 31.58 28.14
N TYR B 49 -15.43 30.43 28.81
CA TYR B 49 -16.50 29.53 28.40
C TYR B 49 -17.85 30.20 28.63
N PRO B 50 -18.79 30.09 27.67
CA PRO B 50 -20.02 30.90 27.73
C PRO B 50 -21.13 30.34 28.61
N TYR B 51 -21.00 29.12 29.14
CA TYR B 51 -22.08 28.49 29.87
C TYR B 51 -21.65 28.14 31.30
N LYS B 52 -22.61 28.21 32.22
CA LYS B 52 -22.34 27.99 33.64
C LYS B 52 -22.31 26.51 34.01
N LYS B 53 -23.10 25.68 33.36
CA LYS B 53 -23.13 24.26 33.65
C LYS B 53 -23.06 23.47 32.36
N LYS B 54 -22.61 22.23 32.46
CA LYS B 54 -22.48 21.41 31.28
C LYS B 54 -23.84 20.89 30.86
N LEU B 55 -23.96 20.61 29.56
CA LEU B 55 -25.19 20.13 29.00
C LEU B 55 -25.57 18.80 29.64
N ASP B 56 -26.85 18.68 30.00
CA ASP B 56 -27.33 17.50 30.69
C ASP B 56 -27.19 16.28 29.79
N ARG B 57 -26.99 15.11 30.42
CA ARG B 57 -26.70 13.89 29.65
C ARG B 57 -27.87 13.53 28.74
N GLU B 58 -29.10 13.67 29.21
CA GLU B 58 -30.23 13.18 28.44
C GLU B 58 -30.63 14.14 27.33
N GLU B 59 -30.40 15.44 27.49
CA GLU B 59 -30.64 16.35 26.38
C GLU B 59 -29.56 16.18 25.30
N TYR B 60 -28.33 15.90 25.71
CA TYR B 60 -27.28 15.63 24.74
C TYR B 60 -27.60 14.41 23.90
N GLU B 61 -28.08 13.34 24.54
CA GLU B 61 -28.35 12.10 23.82
C GLU B 61 -29.51 12.27 22.85
N GLU B 62 -30.57 12.96 23.28
CA GLU B 62 -31.71 13.23 22.41
C GLU B 62 -31.28 14.01 21.17
N THR B 63 -30.44 15.04 21.35
CA THR B 63 -29.97 15.82 20.21
C THR B 63 -29.00 15.01 19.35
N LEU B 64 -28.05 14.30 19.98
CA LEU B 64 -27.09 13.53 19.20
C LEU B 64 -27.79 12.46 18.36
N THR B 65 -28.80 11.79 18.93
CA THR B 65 -29.56 10.81 18.15
C THR B 65 -30.14 11.44 16.89
N LYS B 66 -30.74 12.62 17.02
CA LYS B 66 -31.29 13.30 15.85
C LYS B 66 -30.19 13.65 14.85
N LEU B 67 -29.01 14.07 15.35
CA LEU B 67 -27.93 14.40 14.44
C LEU B 67 -27.42 13.17 13.69
N GLN B 68 -27.26 12.04 14.40
CA GLN B 68 -26.78 10.81 13.77
C GLN B 68 -27.79 10.27 12.76
N ILE B 69 -29.10 10.43 13.02
CA ILE B 69 -30.09 10.09 12.02
C ILE B 69 -29.84 10.88 10.73
N GLU B 70 -29.51 12.16 10.86
CA GLU B 70 -29.15 12.95 9.70
C GLU B 70 -27.86 12.44 9.04
N LEU B 71 -26.91 11.95 9.83
CA LEU B 71 -25.67 11.46 9.23
C LEU B 71 -25.87 10.16 8.46
N VAL B 72 -26.86 9.35 8.86
CA VAL B 72 -27.26 8.19 8.08
C VAL B 72 -27.72 8.63 6.69
N LYS B 73 -28.55 9.66 6.66
CA LYS B 73 -28.94 10.26 5.37
C LYS B 73 -27.73 10.72 4.59
N VAL B 74 -26.79 11.40 5.26
CA VAL B 74 -25.56 11.86 4.60
C VAL B 74 -24.85 10.68 3.94
N GLN B 75 -24.69 9.59 4.68
CA GLN B 75 -23.96 8.45 4.14
C GLN B 75 -24.68 7.86 2.94
N PHE B 76 -26.00 7.71 3.03
CA PHE B 76 -26.77 7.23 1.88
C PHE B 76 -26.58 8.13 0.67
N TRP B 77 -26.57 9.45 0.89
CA TRP B 77 -26.40 10.36 -0.23
C TRP B 77 -24.99 10.31 -0.80
N GLN B 79 -23.04 7.54 -0.86
CA GLN B 79 -22.92 6.35 -1.71
C GLN B 79 -23.62 6.57 -3.04
N ALA B 80 -24.76 7.27 -3.03
CA ALA B 80 -25.53 7.46 -4.26
C ALA B 80 -24.81 8.38 -5.24
N THR B 81 -24.22 9.47 -4.74
CA THR B 81 -23.61 10.48 -5.58
C THR B 81 -22.11 10.31 -5.75
N GLY B 82 -21.45 9.55 -4.86
CA GLY B 82 -20.01 9.42 -4.92
C GLY B 82 -19.27 10.47 -4.12
N LYS B 83 -19.98 11.43 -3.51
CA LYS B 83 -19.35 12.51 -2.76
C LYS B 83 -18.40 11.96 -1.70
N ARG B 84 -17.25 12.62 -1.55
CA ARG B 84 -16.26 12.23 -0.56
C ARG B 84 -16.05 13.34 0.45
N VAL B 85 -15.90 12.98 1.72
CA VAL B 85 -15.71 13.93 2.80
C VAL B 85 -14.45 13.55 3.57
N ALA B 87 -12.61 14.80 7.29
CA ALA B 87 -12.76 15.64 8.49
C ALA B 87 -11.53 15.49 9.36
N VAL B 88 -10.82 16.60 9.54
CA VAL B 88 -9.58 16.67 10.30
C VAL B 88 -9.87 17.13 11.71
N PHE B 89 -9.30 16.45 12.71
CA PHE B 89 -9.49 16.82 14.11
C PHE B 89 -8.15 17.11 14.77
N GLU B 90 -8.01 18.31 15.34
CA GLU B 90 -6.83 18.74 16.07
C GLU B 90 -7.30 19.55 17.28
N GLY B 91 -6.38 19.87 18.18
CA GLY B 91 -6.73 20.73 19.30
C GLY B 91 -5.71 20.62 20.42
N ARG B 92 -6.03 21.27 21.53
CA ARG B 92 -5.28 21.04 22.76
C ARG B 92 -5.33 19.57 23.10
N ASP B 93 -4.22 19.05 23.63
CA ASP B 93 -4.24 17.70 24.19
C ASP B 93 -5.35 17.60 25.24
N ALA B 94 -6.07 16.47 25.22
CA ALA B 94 -7.21 16.18 26.08
C ALA B 94 -8.46 16.99 25.76
N ALA B 95 -8.54 17.61 24.58
CA ALA B 95 -9.70 18.45 24.26
C ALA B 95 -10.92 17.66 23.80
N GLY B 96 -10.72 16.42 23.35
CA GLY B 96 -11.86 15.57 23.05
C GLY B 96 -11.97 15.14 21.59
N LYS B 97 -10.83 15.03 20.90
CA LYS B 97 -10.84 14.66 19.48
C LYS B 97 -11.50 13.31 19.24
N GLY B 98 -11.06 12.29 19.98
CA GLY B 98 -11.59 10.96 19.76
C GLY B 98 -13.09 10.89 20.01
N GLY B 99 -13.56 11.60 21.03
CA GLY B 99 -15.00 11.63 21.30
C GLY B 99 -15.81 12.28 20.19
N ALA B 100 -15.33 13.38 19.61
CA ALA B 100 -16.03 13.96 18.47
C ALA B 100 -16.07 12.99 17.29
N ILE B 101 -14.97 12.23 17.11
CA ILE B 101 -14.93 11.25 16.04
C ILE B 101 -15.90 10.11 16.31
N HIS B 102 -15.91 9.57 17.55
N HIS B 102 -15.88 9.57 17.55
CA HIS B 102 -16.84 8.47 17.80
CA HIS B 102 -16.79 8.50 17.92
C HIS B 102 -18.28 8.92 17.70
C HIS B 102 -18.25 8.91 17.74
N ALA B 103 -18.60 10.13 18.17
CA ALA B 103 -19.97 10.61 18.04
C ALA B 103 -20.38 10.71 16.57
N THR B 104 -19.42 11.03 15.69
CA THR B 104 -19.75 11.12 14.27
C THR B 104 -19.95 9.73 13.66
N THR B 105 -19.10 8.76 14.01
CA THR B 105 -19.07 7.48 13.33
C THR B 105 -19.89 6.39 14.00
N ALA B 106 -20.51 6.65 15.16
CA ALA B 106 -21.14 5.59 15.93
C ALA B 106 -22.16 4.81 15.11
N ASN B 107 -22.93 5.50 14.30
CA ASN B 107 -23.97 4.86 13.50
C ASN B 107 -23.70 5.07 12.03
N ASN B 109 -21.58 3.23 8.60
CA ASN B 109 -21.13 1.96 8.05
C ASN B 109 -19.61 1.93 8.08
N PRO B 110 -18.98 1.02 8.84
CA PRO B 110 -17.51 1.01 8.89
C PRO B 110 -16.85 0.68 7.54
N ARG B 111 -17.61 0.23 6.54
CA ARG B 111 -17.01 -0.02 5.24
C ARG B 111 -16.94 1.23 4.37
N SER B 112 -17.61 2.32 4.76
CA SER B 112 -17.56 3.56 3.98
C SER B 112 -17.14 4.77 4.79
N ALA B 113 -17.04 4.66 6.11
CA ALA B 113 -16.53 5.72 6.96
C ALA B 113 -15.38 5.13 7.76
N ARG B 114 -14.22 5.77 7.74
CA ARG B 114 -13.10 5.18 8.43
C ARG B 114 -12.26 6.27 9.07
N VAL B 115 -11.56 5.89 10.12
CA VAL B 115 -10.75 6.82 10.89
C VAL B 115 -9.29 6.58 10.53
N VAL B 116 -8.54 7.66 10.35
CA VAL B 116 -7.09 7.59 10.16
C VAL B 116 -6.44 8.01 11.47
N ALA B 117 -5.57 7.15 11.98
CA ALA B 117 -4.88 7.47 13.23
C ALA B 117 -3.46 6.95 13.09
N LEU B 118 -2.61 7.75 12.43
CA LEU B 118 -1.28 7.26 12.06
C LEU B 118 -0.33 7.31 13.25
N THR B 119 0.70 6.48 13.21
CA THR B 119 1.74 6.45 14.22
C THR B 119 2.92 7.30 13.74
N LYS B 120 4.00 7.30 14.51
CA LYS B 120 5.15 8.11 14.12
C LYS B 120 5.76 7.55 12.83
N PRO B 121 6.32 8.42 11.99
CA PRO B 121 6.73 7.97 10.65
C PRO B 121 7.90 7.00 10.69
N THR B 122 7.91 6.03 9.77
CA THR B 122 9.06 5.15 9.60
C THR B 122 10.23 5.92 9.00
N GLU B 123 11.39 5.28 8.91
CA GLU B 123 12.53 5.94 8.27
C GLU B 123 12.19 6.29 6.83
N THR B 124 11.53 5.36 6.12
CA THR B 124 11.10 5.59 4.75
C THR B 124 10.21 6.81 4.65
N GLU B 125 9.23 6.90 5.55
CA GLU B 125 8.26 7.99 5.53
C GLU B 125 8.91 9.33 5.83
N ARG B 126 9.91 9.35 6.70
CA ARG B 126 10.60 10.59 7.03
C ARG B 126 11.34 11.16 5.83
N GLY B 127 11.74 10.31 4.89
CA GLY B 127 12.43 10.77 3.69
C GLY B 127 11.52 11.08 2.53
N GLN B 128 10.22 10.85 2.70
CA GLN B 128 9.19 11.18 1.72
C GLN B 128 8.71 12.60 1.93
N TRP B 129 8.18 13.18 0.86
CA TRP B 129 7.22 14.26 0.99
C TRP B 129 6.33 14.01 2.21
N TYR B 130 6.26 15.02 3.09
CA TYR B 130 5.50 14.86 4.33
C TYR B 130 4.07 14.40 4.09
N PHE B 131 3.45 14.86 3.01
CA PHE B 131 2.03 14.59 2.79
C PHE B 131 1.77 13.22 2.19
N GLN B 132 2.82 12.50 1.77
CA GLN B 132 2.61 11.30 0.99
C GLN B 132 1.83 10.23 1.77
N ARG B 133 2.21 10.00 3.04
CA ARG B 133 1.53 8.96 3.78
C ARG B 133 0.09 9.34 4.13
N TYR B 134 -0.27 10.63 4.05
CA TYR B 134 -1.64 11.05 4.25
C TYR B 134 -2.47 10.91 2.98
N VAL B 135 -1.86 11.20 1.81
CA VAL B 135 -2.54 10.96 0.54
C VAL B 135 -2.91 9.49 0.39
N ALA B 136 -2.06 8.58 0.88
CA ALA B 136 -2.35 7.15 0.86
C ALA B 136 -3.67 6.79 1.52
N THR B 137 -4.19 7.62 2.43
CA THR B 137 -5.45 7.34 3.10
C THR B 137 -6.65 8.04 2.47
N PHE B 138 -6.46 8.82 1.40
CA PHE B 138 -7.54 9.62 0.83
C PHE B 138 -8.72 8.76 0.38
N PRO B 139 -9.93 9.34 0.34
CA PRO B 139 -11.14 8.55 0.08
C PRO B 139 -11.37 8.25 -1.39
N THR B 140 -11.90 7.06 -1.68
CA THR B 140 -12.50 6.80 -2.97
C THR B 140 -13.98 7.17 -2.90
N ALA B 141 -14.74 6.88 -3.96
CA ALA B 141 -16.10 7.37 -4.10
C ALA B 141 -16.95 7.02 -2.89
N GLY B 142 -17.65 8.01 -2.35
CA GLY B 142 -18.57 7.80 -1.25
C GLY B 142 -17.97 7.72 0.15
N GLU B 143 -16.65 7.75 0.29
CA GLU B 143 -16.05 7.50 1.58
C GLU B 143 -16.00 8.75 2.46
N PHE B 144 -16.18 8.54 3.76
CA PHE B 144 -16.07 9.57 4.79
C PHE B 144 -14.83 9.23 5.61
N VAL B 145 -13.79 10.06 5.54
CA VAL B 145 -12.52 9.78 6.23
C VAL B 145 -12.29 10.81 7.33
N LEU B 146 -12.02 10.34 8.54
CA LEU B 146 -11.83 11.24 9.68
C LEU B 146 -10.43 11.06 10.22
N PHE B 147 -9.73 12.17 10.48
CA PHE B 147 -8.34 12.13 10.91
C PHE B 147 -8.25 12.43 12.40
N ASP B 148 -7.82 11.43 13.17
CA ASP B 148 -7.50 11.59 14.59
C ASP B 148 -6.06 12.08 14.62
N ARG B 149 -5.91 13.41 14.53
CA ARG B 149 -4.68 14.12 14.18
C ARG B 149 -4.38 13.93 12.69
N SER B 150 -3.55 14.78 12.12
CA SER B 150 -3.47 14.90 10.66
C SER B 150 -2.07 15.32 10.27
N TRP B 151 -1.92 15.80 9.04
CA TRP B 151 -0.68 16.48 8.66
C TRP B 151 -0.39 17.70 9.53
N TYR B 152 -1.37 18.18 10.30
CA TYR B 152 -1.09 19.30 11.20
C TYR B 152 -0.28 18.88 12.43
N ASN B 153 0.15 17.63 12.53
CA ASN B 153 1.20 17.28 13.50
C ASN B 153 2.38 18.23 13.38
N ARG B 154 2.75 18.59 12.15
CA ARG B 154 3.94 19.40 11.92
C ARG B 154 3.73 20.88 12.25
N ALA B 155 2.49 21.29 12.55
CA ALA B 155 2.25 22.65 13.03
C ALA B 155 2.01 22.69 14.53
N GLY B 156 2.07 21.56 15.22
CA GLY B 156 1.88 21.55 16.66
C GLY B 156 2.90 20.68 17.38
N VAL B 157 2.55 19.41 17.57
CA VAL B 157 3.39 18.53 18.39
C VAL B 157 4.83 18.47 17.85
N GLU B 158 5.01 18.41 16.52
CA GLU B 158 6.35 18.20 16.00
C GLU B 158 7.29 19.36 16.29
N PRO B 159 6.96 20.63 15.96
CA PRO B 159 7.88 21.71 16.34
C PRO B 159 7.96 21.96 17.84
N VAL B 160 6.88 21.73 18.60
CA VAL B 160 6.96 21.97 20.04
C VAL B 160 7.95 20.99 20.67
N GLY B 162 10.30 19.33 19.03
CA GLY B 162 11.49 19.17 18.22
C GLY B 162 11.55 17.89 17.40
N PHE B 163 10.40 17.38 16.95
CA PHE B 163 10.36 16.23 16.06
C PHE B 163 10.53 16.63 14.61
N CYS B 164 10.53 17.92 14.33
CA CYS B 164 10.83 18.45 13.01
C CYS B 164 11.63 19.72 13.20
N THR B 165 12.38 20.10 12.18
CA THR B 165 13.22 21.28 12.27
C THR B 165 12.39 22.55 12.07
N PRO B 166 12.87 23.71 12.53
CA PRO B 166 12.15 24.96 12.24
C PRO B 166 11.88 25.17 10.76
N ASP B 167 12.84 24.83 9.89
CA ASP B 167 12.62 24.98 8.45
C ASP B 167 11.51 24.06 7.96
N GLN B 168 11.48 22.82 8.46
CA GLN B 168 10.38 21.93 8.12
C GLN B 168 9.05 22.48 8.60
N TYR B 169 9.03 23.11 9.78
CA TYR B 169 7.81 23.72 10.30
C TYR B 169 7.36 24.87 9.40
N GLU B 170 8.27 25.81 9.12
CA GLU B 170 7.94 26.93 8.23
C GLU B 170 7.51 26.41 6.87
N GLN B 171 8.18 25.38 6.37
CA GLN B 171 7.81 24.83 5.07
C GLN B 171 6.39 24.26 5.10
N PHE B 172 6.03 23.59 6.19
CA PHE B 172 4.70 22.97 6.22
C PHE B 172 3.60 24.02 6.19
N LEU B 173 3.80 25.14 6.88
CA LEU B 173 2.78 26.18 6.91
C LEU B 173 2.56 26.81 5.56
N LYS B 174 3.56 26.77 4.68
CA LYS B 174 3.40 27.28 3.33
C LYS B 174 2.80 26.25 2.37
N GLU B 175 3.00 24.96 2.64
CA GLU B 175 2.51 23.94 1.73
C GLU B 175 1.11 23.43 2.08
N ALA B 176 0.75 23.40 3.36
CA ALA B 176 -0.59 22.94 3.71
C ALA B 176 -1.71 23.66 2.96
N PRO B 177 -1.71 24.99 2.82
CA PRO B 177 -2.74 25.62 1.97
C PRO B 177 -2.73 25.12 0.53
N ARG B 178 -1.55 24.90 -0.06
CA ARG B 178 -1.51 24.38 -1.42
C ARG B 178 -2.10 22.97 -1.46
N PHE B 179 -1.77 22.15 -0.45
CA PHE B 179 -2.25 20.77 -0.41
C PHE B 179 -3.77 20.72 -0.37
N GLU B 180 -4.36 21.57 0.47
CA GLU B 180 -5.80 21.59 0.66
C GLU B 180 -6.53 22.25 -0.49
N GLU B 181 -5.85 23.12 -1.27
CA GLU B 181 -6.47 23.65 -2.48
C GLU B 181 -6.69 22.57 -3.52
N ILE B 183 -7.10 19.39 -2.76
CA ILE B 183 -8.17 18.58 -2.19
C ILE B 183 -9.52 19.19 -2.53
N ALA B 184 -9.68 20.48 -2.27
CA ALA B 184 -10.95 21.15 -2.56
C ALA B 184 -11.22 21.20 -4.06
N ASN B 185 -10.19 21.49 -4.88
CA ASN B 185 -10.39 21.51 -6.33
C ASN B 185 -10.81 20.14 -6.86
N GLU B 186 -10.40 19.07 -6.17
CA GLU B 186 -10.79 17.72 -6.56
C GLU B 186 -12.26 17.42 -6.24
N GLY B 187 -12.89 18.21 -5.37
CA GLY B 187 -14.27 17.99 -4.99
C GLY B 187 -14.47 17.19 -3.72
N ILE B 188 -13.39 16.87 -3.00
CA ILE B 188 -13.48 16.30 -1.67
C ILE B 188 -13.79 17.44 -0.70
N HIS B 189 -14.84 17.27 0.09
CA HIS B 189 -15.19 18.31 1.05
C HIS B 189 -14.35 18.13 2.29
N LEU B 190 -13.51 19.12 2.60
CA LEU B 190 -12.55 19.05 3.69
C LEU B 190 -13.06 19.90 4.84
N PHE B 191 -13.25 19.26 6.01
CA PHE B 191 -13.50 19.93 7.28
C PHE B 191 -12.26 19.86 8.15
N LYS B 192 -11.94 20.95 8.83
CA LYS B 192 -10.86 21.02 9.79
C LYS B 192 -11.41 21.59 11.09
N PHE B 193 -11.34 20.82 12.18
CA PHE B 193 -11.84 21.25 13.47
C PHE B 193 -10.67 21.38 14.45
N TRP B 194 -10.53 22.56 15.05
CA TRP B 194 -9.65 22.78 16.19
C TRP B 194 -10.52 22.82 17.45
N ILE B 195 -10.36 21.83 18.33
CA ILE B 195 -11.10 21.77 19.60
C ILE B 195 -10.19 22.34 20.67
N ASN B 196 -10.58 23.49 21.21
CA ASN B 196 -9.84 24.18 22.24
C ASN B 196 -10.42 23.85 23.62
N ILE B 197 -9.57 23.86 24.64
CA ILE B 197 -10.02 23.86 26.03
C ILE B 197 -9.17 24.84 26.82
N GLY B 198 -9.71 25.29 27.95
CA GLY B 198 -8.97 26.16 28.84
C GLY B 198 -7.85 25.42 29.54
N ARG B 199 -6.90 26.20 30.06
CA ARG B 199 -5.70 25.60 30.66
C ARG B 199 -6.06 24.72 31.85
N GLU B 200 -6.89 25.22 32.76
CA GLU B 200 -7.25 24.42 33.91
C GLU B 200 -8.08 23.21 33.51
N GLN B 202 -7.62 21.45 30.84
CA GLN B 202 -6.67 20.43 30.40
C GLN B 202 -6.08 19.70 31.60
N LEU B 203 -5.74 20.46 32.65
CA LEU B 203 -5.19 19.87 33.86
C LEU B 203 -6.19 18.92 34.50
N LYS B 204 -7.44 19.37 34.64
CA LYS B 204 -8.50 18.50 35.16
C LYS B 204 -8.61 17.21 34.36
N ARG B 205 -8.56 17.28 33.03
CA ARG B 205 -8.77 16.08 32.24
C ARG B 205 -7.55 15.16 32.27
N PHE B 206 -6.34 15.72 32.32
CA PHE B 206 -5.16 14.89 32.56
C PHE B 206 -5.28 14.16 33.89
N HIS B 207 -5.69 14.88 34.95
CA HIS B 207 -5.92 14.26 36.25
C HIS B 207 -6.99 13.17 36.16
N ASP B 208 -8.10 13.45 35.46
CA ASP B 208 -9.18 12.48 35.34
C ASP B 208 -8.68 11.21 34.68
N ARG B 209 -7.92 11.37 33.58
CA ARG B 209 -7.37 10.22 32.88
C ARG B 209 -6.35 9.47 33.72
N ARG B 210 -5.55 10.18 34.51
CA ARG B 210 -4.53 9.50 35.29
C ARG B 210 -5.14 8.61 36.37
N HIS B 211 -6.29 8.99 36.93
CA HIS B 211 -6.87 8.31 38.08
C HIS B 211 -8.11 7.48 37.74
N ASP B 212 -8.29 7.19 36.46
CA ASP B 212 -9.37 6.32 35.99
C ASP B 212 -8.74 5.16 35.26
N PRO B 213 -8.80 3.93 35.78
CA PRO B 213 -8.18 2.79 35.08
C PRO B 213 -8.76 2.54 33.70
N LEU B 214 -9.92 3.11 33.38
CA LEU B 214 -10.53 2.93 32.07
C LEU B 214 -9.99 3.91 31.05
N LYS B 215 -9.40 5.02 31.52
CA LYS B 215 -8.99 6.11 30.65
C LYS B 215 -7.50 6.39 30.69
N ILE B 216 -6.73 5.70 31.55
CA ILE B 216 -5.31 5.99 31.69
C ILE B 216 -4.53 5.73 30.40
N TRP B 217 -5.10 4.95 29.48
CA TRP B 217 -4.46 4.77 28.17
C TRP B 217 -4.43 6.07 27.37
N LYS B 218 -5.33 7.01 27.68
CA LYS B 218 -5.38 8.30 27.01
C LYS B 218 -4.22 9.20 27.40
N LEU B 219 -3.47 8.85 28.43
CA LEU B 219 -2.44 9.71 29.00
C LEU B 219 -1.09 9.20 28.55
N SER B 220 -0.43 9.97 27.68
CA SER B 220 0.78 9.57 26.99
C SER B 220 1.99 10.34 27.50
N PRO B 221 3.21 9.91 27.14
CA PRO B 221 4.38 10.73 27.46
C PRO B 221 4.29 12.14 26.89
N ASP B 223 1.60 14.05 26.59
CA ASP B 223 0.74 14.89 27.43
C ASP B 223 1.46 15.36 28.68
N ILE B 224 2.25 14.48 29.30
CA ILE B 224 3.00 14.90 30.48
C ILE B 224 4.00 15.97 30.12
N ALA B 225 4.51 15.94 28.88
CA ALA B 225 5.38 17.00 28.40
C ALA B 225 4.58 18.25 28.05
N ALA B 226 3.37 18.09 27.49
CA ALA B 226 2.54 19.24 27.17
C ALA B 226 2.29 20.13 28.37
N LEU B 227 2.40 19.59 29.58
CA LEU B 227 2.11 20.35 30.79
C LEU B 227 2.93 21.63 30.87
N SER B 228 4.25 21.51 30.74
CA SER B 228 5.11 22.67 30.85
C SER B 228 5.20 23.46 29.55
N LYS B 229 4.48 23.05 28.50
CA LYS B 229 4.61 23.66 27.18
C LYS B 229 3.34 24.37 26.72
N TRP B 230 2.47 24.76 27.67
CA TRP B 230 1.17 25.36 27.31
C TRP B 230 1.34 26.57 26.41
N ASP B 231 2.23 27.50 26.78
CA ASP B 231 2.38 28.73 26.02
C ASP B 231 2.93 28.47 24.62
N ASP B 232 3.86 27.54 24.49
CA ASP B 232 4.40 27.21 23.17
C ASP B 232 3.30 26.63 22.27
N TYR B 233 2.43 25.77 22.82
CA TYR B 233 1.32 25.27 22.02
C TYR B 233 0.37 26.40 21.64
N THR B 234 0.17 27.36 22.56
CA THR B 234 -0.66 28.51 22.26
C THR B 234 -0.11 29.28 21.07
N GLY B 235 1.20 29.53 21.07
CA GLY B 235 1.80 30.21 19.93
C GLY B 235 1.63 29.44 18.63
N LYS B 236 1.92 28.13 18.67
CA LYS B 236 1.78 27.32 17.45
C LYS B 236 0.34 27.27 16.98
N ARG B 237 -0.61 27.16 17.92
CA ARG B 237 -2.03 27.17 17.56
C ARG B 237 -2.40 28.44 16.83
N ASP B 238 -2.10 29.60 17.43
CA ASP B 238 -2.46 30.88 16.83
C ASP B 238 -1.83 31.04 15.46
N ARG B 239 -0.53 30.75 15.38
CA ARG B 239 0.18 30.81 14.11
C ARG B 239 -0.44 29.89 13.07
N LEU B 241 -3.68 28.58 12.94
CA LEU B 241 -5.03 29.01 12.53
C LEU B 241 -4.96 30.23 11.62
N LYS B 242 -4.04 31.16 11.88
CA LYS B 242 -3.97 32.35 11.05
C LYS B 242 -3.38 32.08 9.66
N GLU B 243 -2.40 31.19 9.56
CA GLU B 243 -1.70 31.00 8.29
C GLU B 243 -2.24 29.86 7.44
N THR B 244 -3.05 28.96 7.99
CA THR B 244 -3.63 27.87 7.21
C THR B 244 -5.16 27.93 7.14
N HIS B 245 -5.78 28.98 7.66
CA HIS B 245 -7.19 29.24 7.43
C HIS B 245 -7.33 29.93 6.08
N THR B 246 -7.73 29.18 5.06
CA THR B 246 -7.92 29.70 3.72
C THR B 246 -9.33 29.40 3.26
N GLU B 247 -9.73 30.04 2.16
CA GLU B 247 -11.03 29.75 1.59
C GLU B 247 -11.18 28.26 1.25
N HIS B 248 -10.13 27.66 0.67
CA HIS B 248 -10.22 26.25 0.31
C HIS B 248 -10.17 25.35 1.54
N GLY B 249 -9.47 25.77 2.59
CA GLY B 249 -9.35 25.01 3.80
C GLY B 249 -9.65 25.82 5.04
N PRO B 250 -10.94 26.06 5.31
CA PRO B 250 -11.32 26.82 6.50
C PRO B 250 -11.19 26.01 7.78
N TRP B 251 -10.81 26.70 8.86
CA TRP B 251 -10.74 26.11 10.19
C TRP B 251 -12.01 26.46 10.95
N ALA B 252 -12.71 25.44 11.43
CA ALA B 252 -13.76 25.61 12.42
C ALA B 252 -13.15 25.45 13.81
N VAL B 253 -13.38 26.44 14.67
CA VAL B 253 -12.73 26.49 15.98
C VAL B 253 -13.78 26.35 17.08
N ILE B 254 -13.53 25.45 18.03
CA ILE B 254 -14.52 24.99 18.99
C ILE B 254 -14.06 25.34 20.40
N ARG B 255 -14.95 25.93 21.20
CA ARG B 255 -14.77 25.94 22.64
C ARG B 255 -15.26 24.61 23.18
N GLY B 256 -14.34 23.81 23.72
CA GLY B 256 -14.64 22.41 23.97
C GLY B 256 -14.65 22.00 25.42
N ASN B 257 -14.71 22.97 26.34
CA ASN B 257 -14.73 22.64 27.75
C ASN B 257 -15.86 21.68 28.09
N ASP B 258 -16.99 21.78 27.40
CA ASP B 258 -18.12 20.86 27.53
C ASP B 258 -18.05 19.91 26.33
N LYS B 259 -17.71 18.64 26.60
CA LYS B 259 -17.54 17.67 25.52
C LYS B 259 -18.83 17.47 24.74
N ARG B 260 -19.97 17.54 25.43
CA ARG B 260 -21.27 17.28 24.79
C ARG B 260 -21.61 18.37 23.79
N ARG B 261 -21.41 19.64 24.16
CA ARG B 261 -21.65 20.73 23.24
C ARG B 261 -20.62 20.74 22.12
N SER B 262 -19.42 20.25 22.42
CA SER B 262 -18.40 20.15 21.39
C SER B 262 -18.85 19.19 20.28
N ARG B 263 -19.23 17.96 20.66
CA ARG B 263 -19.63 16.97 19.68
C ARG B 263 -20.85 17.41 18.90
N ILE B 264 -21.86 17.95 19.58
CA ILE B 264 -23.09 18.36 18.90
C ILE B 264 -22.79 19.43 17.85
N ASN B 265 -21.94 20.39 18.15
CA ASN B 265 -21.77 21.48 17.21
C ASN B 265 -20.79 21.13 16.10
N VAL B 266 -19.80 20.28 16.36
CA VAL B 266 -19.00 19.71 15.28
C VAL B 266 -19.91 19.08 14.24
N ILE B 267 -20.88 18.28 14.69
CA ILE B 267 -21.72 17.54 13.75
C ILE B 267 -22.72 18.47 13.08
N ARG B 268 -23.29 19.41 13.83
CA ARG B 268 -24.15 20.40 13.20
C ARG B 268 -23.42 21.14 12.09
N HIS B 269 -22.14 21.49 12.33
CA HIS B 269 -21.41 22.24 11.32
C HIS B 269 -21.32 21.47 10.01
N LEU B 271 -23.28 18.95 8.93
CA LEU B 271 -24.59 18.75 8.32
C LEU B 271 -25.04 20.00 7.57
N THR B 272 -24.80 21.18 8.14
CA THR B 272 -25.23 22.42 7.48
C THR B 272 -24.46 22.65 6.18
N LYS B 273 -23.18 22.27 6.15
CA LYS B 273 -22.35 22.54 4.99
C LYS B 273 -22.53 21.53 3.88
N LEU B 274 -23.16 20.40 4.15
CA LEU B 274 -23.39 19.37 3.14
C LEU B 274 -24.80 19.51 2.62
N ASP B 275 -24.95 19.46 1.29
CA ASP B 275 -26.25 19.60 0.65
C ASP B 275 -26.77 18.21 0.30
N TYR B 276 -27.12 17.47 1.35
CA TYR B 276 -27.46 16.06 1.21
C TYR B 276 -28.97 15.87 1.09
N ASP B 277 -29.36 14.85 0.33
CA ASP B 277 -30.77 14.54 0.11
C ASP B 277 -31.44 14.12 1.40
N GLY B 278 -32.65 14.63 1.62
CA GLY B 278 -33.42 14.29 2.81
C GLY B 278 -33.16 15.17 4.01
N LYS B 279 -32.36 16.23 3.85
CA LYS B 279 -31.85 17.01 4.96
C LYS B 279 -32.98 17.71 5.71
N ASP B 280 -33.08 17.44 7.01
CA ASP B 280 -34.14 18.02 7.86
C ASP B 280 -33.50 19.14 8.67
N GLU B 281 -33.72 20.39 8.23
CA GLU B 281 -33.10 21.53 8.90
C GLU B 281 -33.61 21.70 10.33
N ALA B 282 -34.81 21.20 10.63
CA ALA B 282 -35.30 21.26 12.02
C ALA B 282 -34.49 20.34 12.93
N ALA B 283 -34.14 19.14 12.45
CA ALA B 283 -33.38 18.20 13.27
C ALA B 283 -31.94 18.63 13.45
N ILE B 284 -31.39 19.42 12.52
CA ILE B 284 -30.01 19.87 12.67
C ILE B 284 -29.90 20.92 13.76
N GLY B 285 -30.88 21.83 13.82
CA GLY B 285 -30.77 22.94 14.74
C GLY B 285 -29.76 23.96 14.22
N GLU B 286 -29.40 24.87 15.11
CA GLU B 286 -28.45 25.92 14.80
C GLU B 286 -27.11 25.62 15.44
N VAL B 287 -26.03 25.84 14.68
CA VAL B 287 -24.72 25.82 15.29
C VAL B 287 -24.65 26.92 16.34
N ASP B 288 -24.26 26.54 17.55
CA ASP B 288 -24.13 27.50 18.65
C ASP B 288 -22.93 28.39 18.40
N GLU B 289 -23.17 29.64 17.97
CA GLU B 289 -22.08 30.57 17.68
C GLU B 289 -21.23 30.88 18.91
N LYS B 290 -21.73 30.62 20.12
CA LYS B 290 -20.90 30.77 21.31
C LYS B 290 -19.89 29.63 21.45
N ILE B 291 -20.11 28.51 20.75
CA ILE B 291 -19.27 27.32 20.88
C ILE B 291 -18.39 27.11 19.64
N LEU B 292 -18.91 27.35 18.44
CA LEU B 292 -18.16 27.10 17.20
C LEU B 292 -17.99 28.41 16.43
N GLY B 293 -16.74 28.74 16.11
CA GLY B 293 -16.43 29.94 15.36
C GLY B 293 -15.52 29.60 14.18
N SER B 294 -15.15 30.64 13.43
CA SER B 294 -14.43 30.45 12.19
C SER B 294 -13.06 31.11 12.27
N GLY B 295 -12.02 30.35 11.89
CA GLY B 295 -10.68 30.86 11.74
C GLY B 295 -10.10 31.50 12.99
N PRO B 296 -9.10 32.37 12.79
CA PRO B 296 -8.53 33.11 13.93
C PRO B 296 -9.48 34.21 14.39
N GLY B 297 -9.25 34.67 15.61
CA GLY B 297 -10.10 35.69 16.21
C GLY B 297 -11.31 35.17 16.95
N PHE B 298 -11.52 33.84 16.98
CA PHE B 298 -12.61 33.31 17.79
C PHE B 298 -12.21 33.14 19.25
N LEU B 299 -10.98 32.67 19.49
CA LEU B 299 -10.46 32.46 20.84
C LEU B 299 -9.71 33.69 21.31
N ARG B 300 -10.09 34.22 22.46
CA ARG B 300 -9.41 35.37 23.06
C ARG B 300 -8.10 34.92 23.72
N GLY C 13 -7.06 -5.51 -47.10
CA GLY C 13 -6.46 -5.56 -45.76
C GLY C 13 -7.48 -5.49 -44.63
N SER C 14 -7.40 -6.44 -43.71
CA SER C 14 -8.37 -6.51 -42.62
C SER C 14 -8.38 -5.21 -41.81
N ARG C 15 -7.21 -4.73 -41.41
CA ARG C 15 -7.11 -3.52 -40.60
C ARG C 15 -6.15 -2.52 -41.23
N ALA C 16 -6.32 -2.29 -42.52
CA ALA C 16 -5.66 -1.17 -43.18
C ALA C 16 -6.41 0.12 -42.89
N VAL C 17 -5.68 1.22 -42.83
CA VAL C 17 -6.26 2.52 -42.52
C VAL C 17 -5.91 3.50 -43.63
N GLU C 18 -6.87 4.34 -43.98
CA GLU C 18 -6.69 5.36 -45.00
C GLU C 18 -6.36 6.69 -44.33
N LEU C 19 -5.25 7.31 -44.72
CA LEU C 19 -4.77 8.53 -44.09
C LEU C 19 -4.73 9.67 -45.10
N GLU C 20 -4.66 10.89 -44.57
CA GLU C 20 -4.49 12.10 -45.37
C GLU C 20 -3.17 12.75 -44.98
N ILE C 21 -2.15 12.59 -45.83
CA ILE C 21 -0.83 13.13 -45.57
C ILE C 21 -0.67 14.44 -46.32
N ASP C 22 -1.16 15.52 -45.72
CA ASP C 22 -1.07 16.87 -46.28
C ASP C 22 -1.79 16.96 -47.63
N GLY C 23 -3.09 16.73 -47.59
CA GLY C 23 -3.93 16.78 -48.76
C GLY C 23 -3.82 15.59 -49.69
N ARG C 24 -2.94 14.64 -49.41
CA ARG C 24 -2.76 13.46 -50.24
C ARG C 24 -3.29 12.24 -49.50
N SER C 25 -4.14 11.47 -50.18
CA SER C 25 -4.67 10.24 -49.63
C SER C 25 -3.61 9.15 -49.69
N ARG C 26 -3.25 8.60 -48.52
CA ARG C 26 -2.32 7.49 -48.45
C ARG C 26 -2.99 6.33 -47.74
N ILE C 27 -2.57 5.11 -48.09
CA ILE C 27 -3.10 3.89 -47.49
C ILE C 27 -1.94 3.14 -46.83
N PHE C 28 -2.09 2.88 -45.53
CA PHE C 28 -1.09 2.16 -44.75
C PHE C 28 -1.71 0.86 -44.25
N ASP C 29 -1.12 -0.27 -44.66
CA ASP C 29 -1.48 -1.58 -44.13
C ASP C 29 -0.31 -2.07 -43.28
N ILE C 30 -0.54 -2.18 -41.97
CA ILE C 30 0.52 -2.55 -41.06
C ILE C 30 0.82 -4.05 -41.15
N ASP C 31 -0.15 -4.86 -41.58
CA ASP C 31 0.05 -6.28 -41.74
C ASP C 31 0.80 -6.63 -43.02
N ASP C 32 0.93 -5.70 -43.95
CA ASP C 32 1.72 -5.88 -45.15
C ASP C 32 3.20 -5.84 -44.79
N PRO C 33 3.95 -6.95 -44.90
CA PRO C 33 5.36 -6.93 -44.51
C PRO C 33 6.22 -6.04 -45.40
N ASP C 34 5.65 -5.49 -46.46
CA ASP C 34 6.31 -4.53 -47.32
C ASP C 34 5.98 -3.12 -46.87
N LEU C 35 6.98 -2.38 -46.41
CA LEU C 35 6.78 -0.97 -46.11
C LEU C 35 6.78 -0.16 -47.40
N PRO C 36 5.75 0.64 -47.66
CA PRO C 36 5.71 1.44 -48.89
C PRO C 36 6.81 2.50 -48.91
N LYS C 37 7.13 2.94 -50.13
CA LYS C 37 8.28 3.81 -50.34
C LYS C 37 8.07 5.19 -49.72
N TRP C 38 6.83 5.69 -49.69
CA TRP C 38 6.59 7.03 -49.16
C TRP C 38 6.79 7.09 -47.65
N ILE C 39 6.63 5.96 -46.96
CA ILE C 39 6.94 5.93 -45.53
C ILE C 39 8.43 5.76 -45.33
N ASP C 40 9.01 4.76 -46.00
CA ASP C 40 10.42 4.44 -45.80
C ASP C 40 11.32 5.62 -46.14
N GLU C 41 10.99 6.37 -47.19
CA GLU C 41 11.88 7.41 -47.66
C GLU C 41 11.74 8.74 -46.91
N GLU C 42 10.66 8.93 -46.15
CA GLU C 42 10.47 10.18 -45.41
C GLU C 42 10.49 10.00 -43.91
N ALA C 43 10.59 8.77 -43.42
CA ALA C 43 10.51 8.53 -41.98
C ALA C 43 11.60 9.29 -41.23
N PHE C 44 12.86 9.19 -41.67
CA PHE C 44 13.93 9.79 -40.88
C PHE C 44 13.91 11.32 -40.93
N ARG C 45 13.48 11.89 -42.05
CA ARG C 45 13.53 13.33 -42.26
C ARG C 45 12.26 14.06 -41.85
N SER C 46 11.21 13.35 -41.48
CA SER C 46 9.99 13.97 -41.01
C SER C 46 10.27 14.83 -39.76
N ASP C 47 9.25 15.62 -39.37
CA ASP C 47 9.35 16.45 -38.17
C ASP C 47 10.51 17.44 -38.27
N ASP C 48 10.87 17.82 -39.49
CA ASP C 48 11.97 18.75 -39.76
C ASP C 48 13.24 18.28 -39.06
N TYR C 49 13.55 16.99 -39.20
CA TYR C 49 14.67 16.44 -38.47
C TYR C 49 15.98 17.10 -38.94
N PRO C 50 16.87 17.46 -38.02
CA PRO C 50 18.02 18.29 -38.37
C PRO C 50 19.22 17.55 -38.95
N TYR C 51 19.26 16.21 -38.88
CA TYR C 51 20.41 15.46 -39.37
C TYR C 51 19.98 14.53 -40.50
N LYS C 52 20.90 14.29 -41.44
CA LYS C 52 20.61 13.50 -42.61
C LYS C 52 20.77 12.02 -42.39
N LYS C 53 21.56 11.60 -41.39
CA LYS C 53 21.76 10.18 -41.11
C LYS C 53 21.75 9.95 -39.60
N LYS C 54 21.46 8.71 -39.22
CA LYS C 54 21.45 8.39 -37.80
C LYS C 54 22.87 8.34 -37.25
N LEU C 55 22.99 8.60 -35.95
CA LEU C 55 24.30 8.68 -35.31
C LEU C 55 25.03 7.36 -35.40
N ASP C 56 26.34 7.44 -35.65
CA ASP C 56 27.18 6.25 -35.74
C ASP C 56 27.08 5.42 -34.46
N ARG C 57 26.90 4.10 -34.63
CA ARG C 57 26.65 3.23 -33.48
C ARG C 57 27.80 3.24 -32.49
N GLU C 58 29.03 3.11 -32.97
CA GLU C 58 30.17 3.10 -32.06
C GLU C 58 30.28 4.41 -31.29
N GLU C 59 30.04 5.53 -31.97
CA GLU C 59 30.12 6.81 -31.29
C GLU C 59 29.01 6.93 -30.24
N TYR C 60 27.81 6.43 -30.57
CA TYR C 60 26.71 6.40 -29.60
C TYR C 60 27.05 5.54 -28.41
N GLU C 61 27.65 4.37 -28.63
CA GLU C 61 27.96 3.49 -27.51
C GLU C 61 29.05 4.11 -26.62
N GLU C 62 30.09 4.70 -27.24
CA GLU C 62 31.13 5.35 -26.45
C GLU C 62 30.55 6.51 -25.64
N THR C 63 29.62 7.28 -26.22
CA THR C 63 29.06 8.40 -25.47
C THR C 63 28.16 7.92 -24.34
N LEU C 64 27.22 7.02 -24.65
CA LEU C 64 26.33 6.51 -23.61
C LEU C 64 27.12 5.91 -22.45
N THR C 65 28.20 5.20 -22.75
CA THR C 65 29.03 4.63 -21.69
C THR C 65 29.57 5.71 -20.77
N LYS C 66 30.15 6.78 -21.34
CA LYS C 66 30.59 7.89 -20.51
C LYS C 66 29.43 8.49 -19.71
N LEU C 67 28.25 8.56 -20.34
CA LEU C 67 27.11 9.18 -19.67
C LEU C 67 26.60 8.34 -18.51
N GLN C 68 26.60 7.01 -18.68
CA GLN C 68 26.20 6.13 -17.60
C GLN C 68 27.22 6.13 -16.48
N ILE C 69 28.50 6.39 -16.80
CA ILE C 69 29.49 6.56 -15.74
C ILE C 69 29.17 7.78 -14.89
N GLU C 70 28.75 8.87 -15.53
CA GLU C 70 28.29 10.03 -14.76
C GLU C 70 27.05 9.72 -13.96
N LEU C 71 26.15 8.89 -14.51
CA LEU C 71 24.94 8.53 -13.76
C LEU C 71 25.27 7.70 -12.53
N VAL C 72 26.32 6.88 -12.60
CA VAL C 72 26.80 6.19 -11.40
C VAL C 72 27.17 7.21 -10.33
N LYS C 73 27.94 8.23 -10.70
CA LYS C 73 28.26 9.30 -9.75
C LYS C 73 26.99 9.95 -9.20
N VAL C 74 26.01 10.20 -10.07
CA VAL C 74 24.75 10.79 -9.65
C VAL C 74 24.11 9.95 -8.56
N GLN C 75 24.07 8.63 -8.75
CA GLN C 75 23.44 7.76 -7.78
C GLN C 75 24.19 7.76 -6.45
N PHE C 76 25.52 7.81 -6.48
CA PHE C 76 26.27 7.88 -5.24
C PHE C 76 25.99 9.18 -4.50
N TRP C 77 25.87 10.28 -5.25
CA TRP C 77 25.59 11.57 -4.66
C TRP C 77 24.20 11.61 -4.05
N GLN C 79 22.57 9.03 -2.77
CA GLN C 79 22.50 8.24 -1.53
C GLN C 79 23.09 9.03 -0.36
N ALA C 80 24.20 9.71 -0.60
CA ALA C 80 24.90 10.41 0.46
C ALA C 80 24.10 11.63 0.93
N THR C 81 23.57 12.41 -0.01
CA THR C 81 22.83 13.62 0.32
C THR C 81 21.36 13.36 0.58
N GLY C 82 20.80 12.27 0.04
CA GLY C 82 19.38 12.03 0.15
C GLY C 82 18.55 12.64 -0.96
N LYS C 83 19.19 13.29 -1.94
CA LYS C 83 18.46 13.95 -3.02
C LYS C 83 17.56 12.96 -3.76
N ARG C 84 16.37 13.42 -4.14
CA ARG C 84 15.41 12.58 -4.85
C ARG C 84 15.16 13.17 -6.23
N VAL C 85 14.95 12.30 -7.22
CA VAL C 85 14.73 12.70 -8.60
C VAL C 85 13.53 11.94 -9.15
N ALA C 87 11.66 11.39 -13.02
CA ALA C 87 11.78 11.62 -14.46
C ALA C 87 10.55 11.07 -15.16
N VAL C 88 9.78 11.97 -15.77
CA VAL C 88 8.56 11.64 -16.50
C VAL C 88 8.87 11.47 -17.97
N PHE C 89 8.35 10.40 -18.58
CA PHE C 89 8.51 10.16 -20.01
C PHE C 89 7.17 10.04 -20.69
N GLU C 90 6.91 10.94 -21.65
CA GLU C 90 5.72 10.92 -22.50
C GLU C 90 6.17 11.20 -23.92
N GLY C 91 5.28 10.98 -24.88
CA GLY C 91 5.60 11.35 -26.25
C GLY C 91 4.61 10.74 -27.22
N ARG C 92 4.95 10.87 -28.50
CA ARG C 92 4.25 10.12 -29.53
C ARG C 92 4.38 8.63 -29.25
N ASP C 93 3.28 7.90 -29.48
CA ASP C 93 3.36 6.45 -29.44
C ASP C 93 4.47 5.97 -30.36
N ALA C 94 5.30 5.04 -29.86
CA ALA C 94 6.46 4.49 -30.54
C ALA C 94 7.64 5.46 -30.62
N ALA C 95 7.64 6.55 -29.84
CA ALA C 95 8.76 7.47 -29.94
C ALA C 95 10.03 6.97 -29.26
N GLY C 96 9.92 6.04 -28.32
CA GLY C 96 11.10 5.51 -27.65
C GLY C 96 11.21 5.82 -26.17
N LYS C 97 10.08 5.84 -25.47
CA LYS C 97 10.08 6.11 -24.04
C LYS C 97 10.84 5.04 -23.25
N GLY C 98 10.55 3.77 -23.52
CA GLY C 98 11.21 2.70 -22.80
C GLY C 98 12.70 2.63 -23.09
N GLY C 99 13.10 2.98 -24.32
CA GLY C 99 14.52 2.96 -24.64
C GLY C 99 15.28 4.05 -23.92
N ALA C 100 14.67 5.22 -23.75
CA ALA C 100 15.32 6.27 -22.96
C ALA C 100 15.42 5.88 -21.49
N ILE C 101 14.40 5.19 -20.97
CA ILE C 101 14.43 4.74 -19.59
C ILE C 101 15.48 3.66 -19.40
N HIS C 102 15.55 2.69 -20.32
N HIS C 102 15.52 2.68 -20.31
CA HIS C 102 16.56 1.63 -20.18
CA HIS C 102 16.53 1.62 -20.24
C HIS C 102 17.97 2.20 -20.29
C HIS C 102 17.94 2.20 -20.29
N ALA C 103 18.18 3.19 -21.16
CA ALA C 103 19.51 3.77 -21.28
C ALA C 103 19.90 4.48 -19.99
N THR C 104 18.91 4.99 -19.25
CA THR C 104 19.18 5.69 -18.00
C THR C 104 19.44 4.74 -16.83
N THR C 105 18.66 3.64 -16.74
CA THR C 105 18.73 2.75 -15.59
C THR C 105 19.67 1.56 -15.79
N ALA C 106 20.28 1.40 -16.97
CA ALA C 106 20.99 0.16 -17.27
C ALA C 106 22.08 -0.15 -16.24
N ASN C 107 22.80 0.88 -15.81
CA ASN C 107 23.82 0.70 -14.78
C ASN C 107 23.47 1.50 -13.54
N ASN C 109 21.42 1.06 -9.58
CA ASN C 109 21.05 0.07 -8.57
C ASN C 109 19.53 -0.11 -8.55
N PRO C 110 19.00 -1.31 -8.77
CA PRO C 110 17.53 -1.48 -8.74
C PRO C 110 16.89 -1.19 -7.39
N ARG C 111 17.66 -1.18 -6.30
CA ARG C 111 17.04 -0.87 -5.02
C ARG C 111 16.90 0.62 -4.75
N SER C 112 17.46 1.49 -5.60
CA SER C 112 17.30 2.92 -5.42
C SER C 112 16.83 3.66 -6.67
N ALA C 113 16.86 3.02 -7.84
CA ALA C 113 16.28 3.58 -9.05
C ALA C 113 15.20 2.62 -9.54
N ARG C 114 13.99 3.11 -9.73
CA ARG C 114 12.92 2.21 -10.11
C ARG C 114 12.01 2.89 -11.12
N VAL C 115 11.35 2.07 -11.92
CA VAL C 115 10.47 2.53 -12.99
C VAL C 115 9.03 2.31 -12.56
N VAL C 116 8.19 3.32 -12.77
CA VAL C 116 6.75 3.21 -12.56
C VAL C 116 6.09 2.98 -13.91
N ALA C 117 5.28 1.92 -14.01
CA ALA C 117 4.58 1.58 -15.25
C ALA C 117 3.19 1.08 -14.87
N LEU C 118 2.29 2.02 -14.56
CA LEU C 118 1.02 1.60 -14.00
C LEU C 118 0.10 1.09 -15.10
N THR C 119 -0.85 0.25 -14.69
CA THR C 119 -1.90 -0.25 -15.58
C THR C 119 -3.13 0.63 -15.43
N LYS C 120 -4.21 0.26 -16.11
CA LYS C 120 -5.40 1.09 -16.10
C LYS C 120 -6.00 1.11 -14.70
N PRO C 121 -6.61 2.21 -14.30
CA PRO C 121 -7.02 2.35 -12.90
C PRO C 121 -8.11 1.36 -12.51
N THR C 122 -8.00 0.82 -11.29
CA THR C 122 -9.09 0.02 -10.75
C THR C 122 -10.32 0.89 -10.50
N GLU C 123 -11.43 0.24 -10.13
CA GLU C 123 -12.64 0.98 -9.78
C GLU C 123 -12.38 1.88 -8.58
N THR C 124 -11.68 1.36 -7.58
CA THR C 124 -11.31 2.20 -6.44
C THR C 124 -10.50 3.40 -6.90
N GLU C 125 -9.53 3.16 -7.79
CA GLU C 125 -8.64 4.22 -8.27
C GLU C 125 -9.38 5.28 -9.07
N ARG C 126 -10.41 4.89 -9.83
CA ARG C 126 -11.15 5.86 -10.62
C ARG C 126 -11.97 6.81 -9.75
N GLY C 127 -12.36 6.37 -8.55
CA GLY C 127 -13.08 7.20 -7.59
C GLY C 127 -12.20 8.05 -6.71
N GLN C 128 -10.89 7.89 -6.81
CA GLN C 128 -9.92 8.66 -6.05
C GLN C 128 -9.54 9.93 -6.80
N TRP C 129 -9.00 10.87 -6.05
CA TRP C 129 -8.12 11.89 -6.60
C TRP C 129 -7.20 11.25 -7.64
N TYR C 130 -7.27 11.76 -8.87
CA TYR C 130 -6.48 11.21 -9.95
C TYR C 130 -5.01 11.03 -9.59
N PHE C 131 -4.45 11.97 -8.83
CA PHE C 131 -3.02 11.91 -8.56
C PHE C 131 -2.66 10.92 -7.46
N GLN C 132 -3.66 10.38 -6.77
CA GLN C 132 -3.38 9.58 -5.56
C GLN C 132 -2.48 8.38 -5.87
N ARG C 133 -2.82 7.61 -6.92
CA ARG C 133 -2.02 6.41 -7.19
C ARG C 133 -0.61 6.76 -7.68
N TYR C 134 -0.36 7.99 -8.13
CA TYR C 134 0.98 8.40 -8.51
C TYR C 134 1.80 8.87 -7.32
N VAL C 135 1.16 9.52 -6.33
CA VAL C 135 1.86 9.90 -5.10
C VAL C 135 2.35 8.66 -4.36
N ALA C 136 1.58 7.57 -4.42
CA ALA C 136 1.99 6.31 -3.79
C ALA C 136 3.34 5.81 -4.30
N THR C 137 3.77 6.23 -5.49
CA THR C 137 5.05 5.81 -6.07
C THR C 137 6.19 6.80 -5.80
N PHE C 138 5.94 7.90 -5.09
CA PHE C 138 6.93 8.96 -4.90
C PHE C 138 8.17 8.46 -4.17
N PRO C 139 9.32 9.11 -4.37
CA PRO C 139 10.58 8.61 -3.82
C PRO C 139 10.80 8.99 -2.37
N THR C 140 11.45 8.08 -1.63
CA THR C 140 12.02 8.43 -0.35
C THR C 140 13.49 8.80 -0.59
N ALA C 141 14.25 9.07 0.49
CA ALA C 141 15.59 9.63 0.35
C ALA C 141 16.46 8.82 -0.61
N GLY C 142 17.11 9.52 -1.53
CA GLY C 142 18.06 8.92 -2.46
C GLY C 142 17.46 8.27 -3.69
N GLU C 143 16.14 8.15 -3.78
CA GLU C 143 15.57 7.36 -4.87
C GLU C 143 15.44 8.15 -6.17
N PHE C 144 15.65 7.45 -7.29
CA PHE C 144 15.48 7.96 -8.65
C PHE C 144 14.28 7.22 -9.23
N VAL C 145 13.16 7.91 -9.45
CA VAL C 145 11.94 7.29 -9.92
C VAL C 145 11.63 7.78 -11.35
N LEU C 146 11.47 6.84 -12.28
CA LEU C 146 11.20 7.16 -13.66
C LEU C 146 9.81 6.67 -14.01
N PHE C 147 9.07 7.47 -14.78
CA PHE C 147 7.69 7.14 -15.13
C PHE C 147 7.61 6.80 -16.62
N ASP C 148 7.24 5.56 -16.91
CA ASP C 148 6.96 5.09 -18.25
C ASP C 148 5.47 5.37 -18.44
N ARG C 149 5.18 6.57 -18.95
CA ARG C 149 3.88 7.22 -18.87
C ARG C 149 3.61 7.65 -17.43
N SER C 150 2.71 8.61 -17.24
CA SER C 150 2.59 9.26 -15.94
C SER C 150 1.17 9.78 -15.79
N TRP C 151 1.00 10.74 -14.88
CA TRP C 151 -0.28 11.41 -14.77
C TRP C 151 -0.65 12.15 -16.03
N TYR C 152 0.31 12.36 -16.96
CA TYR C 152 -0.08 13.00 -18.22
C TYR C 152 -0.85 12.06 -19.15
N ASN C 153 -1.16 10.82 -18.73
CA ASN C 153 -2.15 10.03 -19.45
C ASN C 153 -3.42 10.84 -19.70
N ARG C 154 -3.87 11.60 -18.70
CA ARG C 154 -5.13 12.31 -18.81
C ARG C 154 -5.04 13.54 -19.72
N ALA C 155 -3.84 13.90 -20.17
CA ALA C 155 -3.71 14.97 -21.16
C ALA C 155 -3.46 14.43 -22.56
N GLY C 156 -3.49 13.12 -22.74
CA GLY C 156 -3.24 12.56 -24.06
C GLY C 156 -4.13 11.36 -24.36
N VAL C 157 -3.67 10.17 -24.01
CA VAL C 157 -4.40 8.97 -24.37
C VAL C 157 -5.82 8.98 -23.82
N GLU C 158 -6.02 9.46 -22.58
CA GLU C 158 -7.36 9.40 -22.00
C GLU C 158 -8.39 10.27 -22.74
N PRO C 159 -8.16 11.55 -22.99
CA PRO C 159 -9.18 12.31 -23.76
C PRO C 159 -9.34 11.83 -25.19
N VAL C 160 -8.26 11.37 -25.83
CA VAL C 160 -8.35 10.99 -27.24
C VAL C 160 -9.21 9.75 -27.41
N GLY C 162 -11.37 8.74 -25.10
CA GLY C 162 -12.57 8.86 -24.28
C GLY C 162 -12.54 8.07 -22.98
N PHE C 163 -11.35 7.85 -22.42
CA PHE C 163 -11.25 7.21 -21.11
C PHE C 163 -11.44 8.21 -19.97
N CYS C 164 -11.55 9.50 -20.28
CA CYS C 164 -11.93 10.50 -19.30
C CYS C 164 -12.91 11.46 -19.95
N THR C 165 -13.63 12.20 -19.13
CA THR C 165 -14.57 13.18 -19.66
C THR C 165 -13.85 14.46 -20.06
N PRO C 166 -14.46 15.28 -20.93
CA PRO C 166 -13.90 16.63 -21.16
C PRO C 166 -13.66 17.41 -19.88
N ASP C 167 -14.57 17.29 -18.91
CA ASP C 167 -14.39 18.03 -17.66
C ASP C 167 -13.17 17.51 -16.90
N GLN C 168 -12.97 16.19 -16.86
CA GLN C 168 -11.80 15.66 -16.17
C GLN C 168 -10.52 16.10 -16.88
N TYR C 169 -10.57 16.20 -18.21
CA TYR C 169 -9.41 16.65 -18.98
C TYR C 169 -9.05 18.09 -18.61
N GLU C 170 -10.03 18.99 -18.67
CA GLU C 170 -9.77 20.39 -18.34
C GLU C 170 -9.30 20.53 -16.89
N GLN C 171 -9.85 19.73 -15.99
CA GLN C 171 -9.44 19.79 -14.59
C GLN C 171 -7.99 19.38 -14.42
N PHE C 172 -7.57 18.33 -15.13
CA PHE C 172 -6.18 17.90 -15.05
C PHE C 172 -5.22 19.00 -15.50
N LEU C 173 -5.56 19.71 -16.58
CA LEU C 173 -4.67 20.76 -17.08
C LEU C 173 -4.51 21.88 -16.05
N LYS C 174 -5.53 22.13 -15.23
CA LYS C 174 -5.42 23.13 -14.17
C LYS C 174 -4.64 22.60 -12.98
N GLU C 175 -4.78 21.32 -12.67
CA GLU C 175 -4.22 20.76 -11.44
C GLU C 175 -2.79 20.26 -11.59
N ALA C 176 -2.40 19.79 -12.77
CA ALA C 176 -1.03 19.30 -12.93
C ALA C 176 0.03 20.35 -12.57
N PRO C 177 -0.09 21.62 -12.95
CA PRO C 177 0.88 22.62 -12.45
C PRO C 177 0.90 22.76 -10.93
N ARG C 178 -0.26 22.72 -10.27
CA ARG C 178 -0.28 22.81 -8.82
C ARG C 178 0.37 21.57 -8.19
N PHE C 179 0.14 20.40 -8.79
CA PHE C 179 0.73 19.16 -8.30
C PHE C 179 2.26 19.24 -8.32
N GLU C 180 2.82 19.70 -9.44
CA GLU C 180 4.25 19.77 -9.61
C GLU C 180 4.86 20.96 -8.90
N GLU C 181 4.07 21.99 -8.57
CA GLU C 181 4.56 23.02 -7.67
C GLU C 181 4.91 22.41 -6.31
N ILE C 183 5.63 19.27 -5.72
CA ILE C 183 6.79 18.40 -5.88
C ILE C 183 8.07 19.23 -5.84
N ALA C 184 8.09 20.34 -6.59
CA ALA C 184 9.27 21.20 -6.63
C ALA C 184 9.56 21.83 -5.27
N ASN C 185 8.51 22.30 -4.58
CA ASN C 185 8.73 22.93 -3.28
C ASN C 185 9.25 21.91 -2.27
N GLU C 186 8.95 20.62 -2.48
CA GLU C 186 9.45 19.57 -1.60
C GLU C 186 10.94 19.32 -1.79
N GLY C 187 11.52 19.75 -2.91
CA GLY C 187 12.92 19.49 -3.19
C GLY C 187 13.18 18.23 -3.97
N ILE C 188 12.14 17.56 -4.46
CA ILE C 188 12.33 16.51 -5.46
C ILE C 188 12.54 17.17 -6.82
N HIS C 189 13.64 16.81 -7.48
CA HIS C 189 13.88 17.34 -8.81
C HIS C 189 13.05 16.57 -9.82
N LEU C 190 12.11 17.25 -10.46
CA LEU C 190 11.21 16.63 -11.42
C LEU C 190 11.68 17.00 -12.82
N PHE C 191 11.92 15.97 -13.64
CA PHE C 191 12.19 16.11 -15.07
C PHE C 191 10.98 15.64 -15.86
N LYS C 192 10.68 16.33 -16.95
CA LYS C 192 9.58 15.93 -17.81
C LYS C 192 10.09 15.98 -19.25
N PHE C 193 10.05 14.83 -19.93
CA PHE C 193 10.55 14.69 -21.29
C PHE C 193 9.40 14.31 -22.20
N TRP C 194 9.19 15.12 -23.25
CA TRP C 194 8.30 14.76 -24.35
C TRP C 194 9.16 14.33 -25.54
N ILE C 195 9.05 13.07 -25.95
CA ILE C 195 9.79 12.57 -27.11
C ILE C 195 8.88 12.60 -28.33
N ASN C 196 9.16 13.49 -29.27
CA ASN C 196 8.37 13.62 -30.49
C ASN C 196 9.05 12.87 -31.62
N ILE C 197 8.23 12.37 -32.56
CA ILE C 197 8.71 11.84 -33.83
C ILE C 197 7.78 12.30 -34.94
N GLY C 198 8.26 12.16 -36.18
CA GLY C 198 7.44 12.46 -37.33
C GLY C 198 6.41 11.38 -37.61
N ARG C 199 5.38 11.76 -38.36
CA ARG C 199 4.28 10.84 -38.64
C ARG C 199 4.76 9.59 -39.35
N GLU C 200 5.52 9.77 -40.43
CA GLU C 200 6.02 8.62 -41.19
C GLU C 200 6.94 7.75 -40.35
N GLN C 202 6.61 7.28 -37.12
CA GLN C 202 5.70 6.50 -36.29
C GLN C 202 5.16 5.31 -37.05
N LEU C 203 4.74 5.52 -38.30
CA LEU C 203 4.27 4.42 -39.14
C LEU C 203 5.36 3.37 -39.33
N LYS C 204 6.58 3.81 -39.61
CA LYS C 204 7.67 2.86 -39.81
C LYS C 204 7.94 2.06 -38.54
N ARG C 205 7.89 2.69 -37.37
CA ARG C 205 8.19 1.96 -36.15
C ARG C 205 7.06 1.00 -35.78
N PHE C 206 5.80 1.39 -36.00
CA PHE C 206 4.71 0.45 -35.82
C PHE C 206 4.91 -0.77 -36.71
N HIS C 207 5.26 -0.52 -37.96
CA HIS C 207 5.48 -1.62 -38.91
C HIS C 207 6.63 -2.52 -38.44
N ASP C 208 7.76 -1.91 -38.06
CA ASP C 208 8.89 -2.70 -37.57
C ASP C 208 8.49 -3.59 -36.41
N ARG C 209 7.69 -3.07 -35.47
CA ARG C 209 7.29 -3.86 -34.33
C ARG C 209 6.31 -4.97 -34.73
N ARG C 210 5.40 -4.67 -35.66
CA ARG C 210 4.44 -5.68 -36.09
C ARG C 210 5.12 -6.89 -36.70
N HIS C 211 6.24 -6.70 -37.39
CA HIS C 211 6.90 -7.78 -38.12
C HIS C 211 8.19 -8.24 -37.44
N ASP C 212 8.38 -7.90 -36.17
CA ASP C 212 9.49 -8.45 -35.38
C ASP C 212 8.91 -9.25 -34.23
N PRO C 213 9.02 -10.59 -34.24
CA PRO C 213 8.42 -11.40 -33.16
C PRO C 213 8.97 -11.07 -31.77
N LEU C 214 10.06 -10.33 -31.70
CA LEU C 214 10.65 -9.91 -30.45
C LEU C 214 10.07 -8.59 -29.94
N LYS C 215 9.47 -7.81 -30.83
CA LYS C 215 8.94 -6.49 -30.51
C LYS C 215 7.44 -6.37 -30.69
N ILE C 216 6.76 -7.43 -31.16
CA ILE C 216 5.34 -7.35 -31.43
C ILE C 216 4.54 -7.04 -30.17
N TRP C 217 5.05 -7.45 -29.01
CA TRP C 217 4.39 -7.13 -27.74
C TRP C 217 4.26 -5.62 -27.53
N LYS C 218 5.14 -4.82 -28.14
CA LYS C 218 5.08 -3.37 -28.02
C LYS C 218 3.88 -2.76 -28.75
N LEU C 219 3.16 -3.54 -29.54
CA LEU C 219 2.05 -3.06 -30.35
C LEU C 219 0.75 -3.45 -29.68
N SER C 220 -0.05 -2.45 -29.31
CA SER C 220 -1.27 -2.64 -28.53
C SER C 220 -2.45 -2.04 -29.28
N PRO C 221 -3.68 -2.39 -28.89
CA PRO C 221 -4.85 -1.76 -29.53
C PRO C 221 -4.84 -0.25 -29.48
N ASP C 223 -2.24 1.62 -29.86
CA ASP C 223 -1.41 2.07 -30.96
C ASP C 223 -2.12 1.91 -32.30
N ILE C 224 -2.81 0.78 -32.48
CA ILE C 224 -3.57 0.57 -33.71
C ILE C 224 -4.56 1.72 -33.92
N ALA C 225 -5.24 2.12 -32.84
CA ALA C 225 -6.20 3.21 -32.93
C ALA C 225 -5.53 4.57 -33.06
N ALA C 226 -4.35 4.74 -32.45
CA ALA C 226 -3.61 6.00 -32.63
C ALA C 226 -3.29 6.26 -34.09
N LEU C 227 -3.31 5.23 -34.93
CA LEU C 227 -3.01 5.41 -36.36
C LEU C 227 -3.91 6.48 -36.98
N SER C 228 -5.19 6.52 -36.59
CA SER C 228 -6.15 7.44 -37.15
C SER C 228 -6.31 8.72 -36.33
N LYS C 229 -5.60 8.85 -35.21
CA LYS C 229 -5.78 9.98 -34.30
C LYS C 229 -4.59 10.93 -34.32
N TRP C 230 -3.75 10.87 -35.36
CA TRP C 230 -2.53 11.67 -35.39
C TRP C 230 -2.82 13.15 -35.07
N ASP C 231 -3.76 13.76 -35.79
CA ASP C 231 -4.02 15.18 -35.57
C ASP C 231 -4.61 15.45 -34.19
N ASP C 232 -5.49 14.55 -33.72
CA ASP C 232 -6.02 14.73 -32.37
C ASP C 232 -4.90 14.68 -31.33
N TYR C 233 -3.98 13.73 -31.46
CA TYR C 233 -2.84 13.70 -30.54
C TYR C 233 -1.98 14.95 -30.68
N THR C 234 -1.86 15.48 -31.90
CA THR C 234 -1.08 16.70 -32.12
C THR C 234 -1.64 17.85 -31.28
N GLY C 235 -2.96 18.04 -31.34
CA GLY C 235 -3.55 19.13 -30.57
C GLY C 235 -3.40 18.94 -29.08
N LYS C 236 -3.61 17.71 -28.60
CA LYS C 236 -3.44 17.44 -27.19
C LYS C 236 -2.00 17.70 -26.76
N ARG C 237 -1.03 17.32 -27.59
CA ARG C 237 0.37 17.62 -27.29
C ARG C 237 0.58 19.12 -27.12
N ASP C 238 0.15 19.90 -28.11
CA ASP C 238 0.39 21.33 -28.08
C ASP C 238 -0.28 21.98 -26.87
N ARG C 239 -1.55 21.65 -26.65
CA ARG C 239 -2.27 22.21 -25.51
C ARG C 239 -1.58 21.86 -24.20
N LEU C 241 1.64 20.92 -23.67
CA LEU C 241 2.95 21.57 -23.52
C LEU C 241 2.80 23.03 -23.09
N LYS C 242 1.81 23.73 -23.64
CA LYS C 242 1.72 25.16 -23.32
C LYS C 242 1.15 25.40 -21.92
N GLU C 243 0.18 24.59 -21.50
CA GLU C 243 -0.48 24.85 -20.23
C GLU C 243 0.20 24.21 -19.03
N THR C 244 1.09 23.25 -19.24
CA THR C 244 1.79 22.62 -18.12
C THR C 244 3.30 22.79 -18.17
N HIS C 245 3.82 23.61 -19.08
CA HIS C 245 5.20 24.07 -19.01
C HIS C 245 5.25 25.25 -18.03
N THR C 246 5.81 25.04 -16.85
CA THR C 246 5.94 26.07 -15.84
C THR C 246 7.37 26.11 -15.33
N GLU C 247 7.65 27.16 -14.56
CA GLU C 247 8.95 27.26 -13.90
C GLU C 247 9.20 26.08 -12.98
N HIS C 248 8.17 25.67 -12.23
CA HIS C 248 8.30 24.55 -11.30
C HIS C 248 8.29 23.20 -12.03
N GLY C 249 7.60 23.10 -13.15
CA GLY C 249 7.62 21.88 -13.93
C GLY C 249 7.87 22.13 -15.40
N PRO C 250 9.14 22.35 -15.76
CA PRO C 250 9.45 22.61 -17.17
C PRO C 250 9.43 21.34 -18.00
N TRP C 251 9.07 21.50 -19.28
CA TRP C 251 9.04 20.41 -20.23
C TRP C 251 10.30 20.46 -21.09
N ALA C 252 10.99 19.33 -21.18
CA ALA C 252 12.04 19.14 -22.17
C ALA C 252 11.43 18.40 -23.35
N VAL C 253 11.63 18.93 -24.55
CA VAL C 253 10.97 18.43 -25.75
C VAL C 253 12.04 17.94 -26.72
N ILE C 254 11.87 16.72 -27.21
CA ILE C 254 12.91 15.98 -27.91
C ILE C 254 12.43 15.63 -29.32
N ARG C 255 13.25 15.96 -30.32
CA ARG C 255 13.11 15.37 -31.64
C ARG C 255 13.74 13.98 -31.60
N GLY C 256 12.92 12.93 -31.70
CA GLY C 256 13.36 11.59 -31.40
C GLY C 256 13.50 10.64 -32.58
N ASN C 257 13.53 11.19 -33.80
CA ASN C 257 13.62 10.33 -34.99
C ASN C 257 14.83 9.42 -34.95
N ASP C 258 15.91 9.85 -34.30
CA ASP C 258 17.11 9.04 -34.10
C ASP C 258 17.12 8.64 -32.63
N LYS C 259 16.89 7.36 -32.35
CA LYS C 259 16.80 6.87 -30.98
C LYS C 259 18.11 7.10 -30.22
N ARG C 260 19.23 7.02 -30.92
CA ARG C 260 20.53 7.19 -30.28
C ARG C 260 20.75 8.63 -29.83
N ARG C 261 20.39 9.59 -30.68
CA ARG C 261 20.49 10.99 -30.28
C ARG C 261 19.45 11.35 -29.23
N SER C 262 18.27 10.73 -29.32
CA SER C 262 17.25 10.94 -28.29
C SER C 262 17.77 10.52 -26.92
N ARG C 263 18.29 9.29 -26.81
CA ARG C 263 18.73 8.77 -25.52
C ARG C 263 19.88 9.59 -24.94
N ILE C 264 20.81 10.03 -25.78
CA ILE C 264 22.00 10.72 -25.30
C ILE C 264 21.64 12.08 -24.70
N ASN C 265 20.84 12.85 -25.42
CA ASN C 265 20.57 14.20 -24.97
C ASN C 265 19.58 14.25 -23.81
N VAL C 266 18.71 13.25 -23.67
CA VAL C 266 17.88 13.15 -22.48
C VAL C 266 18.75 13.03 -21.24
N ILE C 267 19.76 12.16 -21.31
CA ILE C 267 20.62 11.94 -20.16
C ILE C 267 21.51 13.16 -19.92
N ARG C 268 22.05 13.74 -21.00
CA ARG C 268 22.83 14.96 -20.88
C ARG C 268 22.05 16.04 -20.13
N HIS C 269 20.78 16.24 -20.51
CA HIS C 269 19.96 17.24 -19.86
C HIS C 269 19.92 17.05 -18.35
N LEU C 271 22.00 15.28 -16.42
CA LEU C 271 23.32 15.47 -15.83
C LEU C 271 23.66 16.94 -15.68
N THR C 272 23.26 17.77 -16.65
CA THR C 272 23.56 19.19 -16.56
C THR C 272 22.74 19.87 -15.47
N LYS C 273 21.51 19.42 -15.26
CA LYS C 273 20.64 20.05 -14.29
C LYS C 273 20.89 19.61 -12.86
N LEU C 274 21.58 18.49 -12.67
CA LEU C 274 21.91 18.02 -11.33
C LEU C 274 23.29 18.49 -10.94
N ASP C 275 23.42 19.03 -9.73
CA ASP C 275 24.70 19.52 -9.23
C ASP C 275 25.33 18.45 -8.34
N TYR C 276 25.77 17.37 -8.99
CA TYR C 276 26.26 16.19 -8.30
C TYR C 276 27.79 16.19 -8.17
N ASP C 277 28.26 15.65 -7.04
CA ASP C 277 29.70 15.56 -6.80
C ASP C 277 30.37 14.69 -7.85
N GLY C 278 31.54 15.14 -8.32
CA GLY C 278 32.27 14.39 -9.32
C GLY C 278 31.88 14.69 -10.75
N LYS C 279 31.03 15.68 -10.96
CA LYS C 279 30.54 16.02 -12.29
C LYS C 279 31.68 16.32 -13.25
N ASP C 280 31.84 15.49 -14.28
CA ASP C 280 32.88 15.68 -15.28
C ASP C 280 32.23 16.38 -16.48
N GLU C 281 32.36 17.71 -16.50
CA GLU C 281 31.81 18.53 -17.58
C GLU C 281 32.22 18.02 -18.95
N ALA C 282 33.49 17.62 -19.10
CA ALA C 282 33.98 17.14 -20.39
C ALA C 282 33.27 15.85 -20.79
N ALA C 283 32.98 14.98 -19.83
CA ALA C 283 32.31 13.72 -20.12
C ALA C 283 30.88 13.95 -20.60
N ILE C 284 30.17 14.90 -19.98
CA ILE C 284 28.76 15.11 -20.32
C ILE C 284 28.62 15.60 -21.75
N GLY C 285 29.46 16.56 -22.15
CA GLY C 285 29.31 17.17 -23.45
C GLY C 285 28.24 18.25 -23.46
N GLU C 286 27.86 18.64 -24.68
CA GLU C 286 26.84 19.65 -24.91
C GLU C 286 25.52 18.98 -25.24
N VAL C 287 24.44 19.42 -24.58
CA VAL C 287 23.11 19.09 -25.06
C VAL C 287 22.95 19.63 -26.47
N ASP C 288 22.51 18.77 -27.40
CA ASP C 288 22.30 19.19 -28.77
C ASP C 288 21.01 19.99 -28.85
N GLU C 289 21.13 21.31 -29.08
CA GLU C 289 19.97 22.20 -29.16
C GLU C 289 19.07 21.88 -30.35
N LYS C 290 19.60 21.23 -31.39
CA LYS C 290 18.78 20.79 -32.51
C LYS C 290 17.93 19.59 -32.16
N ILE C 291 18.17 18.94 -31.03
CA ILE C 291 17.46 17.75 -30.61
C ILE C 291 16.57 18.01 -29.40
N LEU C 292 17.06 18.78 -28.41
CA LEU C 292 16.35 18.96 -27.15
C LEU C 292 16.08 20.44 -26.94
N GLY C 293 14.80 20.78 -26.77
CA GLY C 293 14.40 22.15 -26.50
C GLY C 293 13.51 22.21 -25.27
N SER C 294 13.19 23.42 -24.85
CA SER C 294 12.44 23.67 -23.63
C SER C 294 11.07 24.26 -23.98
N GLY C 295 10.02 23.52 -23.66
CA GLY C 295 8.67 24.03 -23.69
C GLY C 295 8.04 24.09 -25.06
N PRO C 296 6.90 24.78 -25.17
CA PRO C 296 6.22 24.90 -26.46
C PRO C 296 7.02 25.76 -27.42
N GLY C 297 6.63 25.70 -28.68
CA GLY C 297 7.33 26.42 -29.73
C GLY C 297 8.59 25.76 -30.25
N PHE C 298 9.13 24.76 -29.54
CA PHE C 298 10.29 24.07 -30.10
C PHE C 298 9.89 23.20 -31.29
N LEU C 299 8.73 22.56 -31.21
CA LEU C 299 8.24 21.71 -32.29
C LEU C 299 7.42 22.54 -33.28
N ARG C 300 7.53 22.17 -34.55
CA ARG C 300 6.76 22.81 -35.62
C ARG C 300 6.86 21.95 -36.86
N GLY D 13 45.38 -0.88 -0.17
CA GLY D 13 46.10 -1.38 0.99
C GLY D 13 45.32 -1.31 2.28
N SER D 14 44.20 -0.57 2.26
CA SER D 14 43.45 -0.32 3.49
C SER D 14 42.69 -1.56 3.95
N ARG D 15 41.80 -2.08 3.11
CA ARG D 15 40.91 -3.17 3.49
C ARG D 15 41.31 -4.49 2.84
N ALA D 16 42.60 -4.79 2.83
CA ALA D 16 43.08 -6.10 2.41
C ALA D 16 42.70 -7.15 3.44
N VAL D 17 42.32 -8.33 2.97
CA VAL D 17 41.88 -9.42 3.83
C VAL D 17 42.73 -10.64 3.54
N GLU D 18 42.98 -11.43 4.58
CA GLU D 18 43.67 -12.71 4.45
C GLU D 18 42.63 -13.82 4.41
N LEU D 19 42.74 -14.70 3.41
CA LEU D 19 41.81 -15.81 3.22
C LEU D 19 42.57 -17.13 3.26
N GLU D 20 41.87 -18.18 3.67
CA GLU D 20 42.39 -19.55 3.62
C GLU D 20 41.77 -20.26 2.43
N ILE D 21 42.61 -20.64 1.46
CA ILE D 21 42.14 -21.23 0.20
C ILE D 21 42.61 -22.68 0.13
N ASP D 22 41.88 -23.57 0.81
CA ASP D 22 42.17 -25.00 0.84
C ASP D 22 43.64 -25.28 1.20
N GLY D 23 44.02 -24.81 2.38
CA GLY D 23 45.32 -25.09 2.94
C GLY D 23 46.39 -24.05 2.69
N ARG D 24 46.04 -22.88 2.15
CA ARG D 24 47.02 -21.83 1.92
C ARG D 24 46.46 -20.47 2.29
N SER D 25 47.30 -19.63 2.88
CA SER D 25 46.95 -18.24 3.17
C SER D 25 47.17 -17.40 1.93
N ARG D 26 46.14 -16.70 1.50
CA ARG D 26 46.20 -15.83 0.36
C ARG D 26 45.84 -14.42 0.78
N ILE D 27 46.45 -13.42 0.16
CA ILE D 27 46.06 -12.04 0.38
C ILE D 27 45.31 -11.52 -0.84
N PHE D 28 44.15 -10.91 -0.60
CA PHE D 28 43.35 -10.30 -1.65
C PHE D 28 43.10 -8.85 -1.29
N ASP D 29 43.59 -7.94 -2.12
CA ASP D 29 43.40 -6.50 -1.94
C ASP D 29 42.52 -6.02 -3.09
N ILE D 30 41.23 -5.80 -2.80
CA ILE D 30 40.28 -5.42 -3.84
C ILE D 30 40.58 -4.04 -4.40
N ASP D 31 41.32 -3.22 -3.66
CA ASP D 31 41.65 -1.88 -4.13
C ASP D 31 42.92 -1.84 -4.96
N ASP D 32 43.66 -2.93 -5.05
CA ASP D 32 44.81 -3.03 -5.94
C ASP D 32 44.31 -3.25 -7.36
N PRO D 33 44.69 -2.40 -8.32
CA PRO D 33 44.20 -2.59 -9.69
C PRO D 33 44.70 -3.86 -10.36
N ASP D 34 45.78 -4.45 -9.87
CA ASP D 34 46.32 -5.68 -10.44
C ASP D 34 45.70 -6.89 -9.76
N LEU D 35 45.19 -7.83 -10.57
CA LEU D 35 44.59 -9.02 -9.98
C LEU D 35 45.62 -10.14 -9.88
N PRO D 36 45.73 -10.80 -8.73
CA PRO D 36 46.73 -11.87 -8.60
C PRO D 36 46.46 -13.02 -9.55
N LYS D 37 47.56 -13.61 -10.04
CA LYS D 37 47.45 -14.69 -11.01
C LYS D 37 46.72 -15.90 -10.43
N TRP D 38 46.87 -16.16 -9.13
CA TRP D 38 46.21 -17.32 -8.55
C TRP D 38 44.69 -17.19 -8.59
N ILE D 39 44.18 -15.96 -8.64
CA ILE D 39 42.74 -15.74 -8.86
C ILE D 39 42.39 -15.85 -10.33
N ASP D 40 43.16 -15.17 -11.17
CA ASP D 40 42.87 -15.16 -12.59
C ASP D 40 42.91 -16.56 -13.18
N GLU D 41 43.89 -17.38 -12.76
CA GLU D 41 44.07 -18.70 -13.36
C GLU D 41 43.00 -19.69 -12.90
N GLU D 42 42.42 -19.47 -11.73
CA GLU D 42 41.49 -20.43 -11.14
C GLU D 42 40.04 -20.02 -11.30
N ALA D 43 39.78 -18.76 -11.66
CA ALA D 43 38.43 -18.21 -11.61
C ALA D 43 37.44 -19.03 -12.45
N PHE D 44 37.70 -19.16 -13.76
CA PHE D 44 36.70 -19.77 -14.63
C PHE D 44 36.52 -21.26 -14.32
N ARG D 45 37.61 -21.96 -14.00
CA ARG D 45 37.58 -23.39 -13.70
C ARG D 45 37.10 -23.70 -12.28
N SER D 46 36.90 -22.71 -11.43
CA SER D 46 36.53 -23.00 -10.05
C SER D 46 35.15 -23.65 -10.01
N ASP D 47 34.82 -24.26 -8.87
CA ASP D 47 33.48 -24.83 -8.63
C ASP D 47 33.20 -26.01 -9.56
N ASP D 48 34.23 -26.78 -9.91
CA ASP D 48 34.09 -27.93 -10.80
C ASP D 48 33.42 -27.54 -12.12
N TYR D 49 33.75 -26.35 -12.63
CA TYR D 49 33.05 -25.85 -13.81
C TYR D 49 33.33 -26.75 -15.00
N PRO D 50 32.30 -27.17 -15.76
CA PRO D 50 32.48 -28.25 -16.75
C PRO D 50 32.99 -27.82 -18.12
N TYR D 51 33.17 -26.53 -18.39
CA TYR D 51 33.58 -26.07 -19.72
C TYR D 51 34.91 -25.32 -19.65
N LYS D 52 35.67 -25.42 -20.74
CA LYS D 52 37.00 -24.83 -20.81
C LYS D 52 36.97 -23.34 -21.17
N LYS D 53 35.98 -22.91 -21.96
CA LYS D 53 35.94 -21.54 -22.43
C LYS D 53 34.51 -21.04 -22.37
N LYS D 54 34.37 -19.74 -22.22
CA LYS D 54 33.02 -19.22 -22.15
C LYS D 54 32.33 -19.37 -23.50
N LEU D 55 31.00 -19.38 -23.44
CA LEU D 55 30.18 -19.53 -24.62
C LEU D 55 30.44 -18.41 -25.62
N ASP D 56 30.54 -18.78 -26.89
CA ASP D 56 30.75 -17.82 -27.98
C ASP D 56 29.72 -16.70 -27.88
N ARG D 57 30.21 -15.47 -28.01
CA ARG D 57 29.36 -14.30 -27.76
C ARG D 57 28.23 -14.20 -28.79
N GLU D 58 28.54 -14.38 -30.07
CA GLU D 58 27.49 -14.23 -31.07
C GLU D 58 26.50 -15.38 -31.00
N GLU D 59 26.97 -16.56 -30.60
CA GLU D 59 26.07 -17.70 -30.41
C GLU D 59 25.15 -17.46 -29.22
N TYR D 60 25.67 -16.87 -28.14
CA TYR D 60 24.83 -16.55 -26.99
C TYR D 60 23.69 -15.61 -27.38
N GLU D 61 24.01 -14.53 -28.10
CA GLU D 61 22.98 -13.58 -28.47
C GLU D 61 21.93 -14.21 -29.40
N GLU D 62 22.35 -15.09 -30.32
CA GLU D 62 21.38 -15.74 -31.21
C GLU D 62 20.43 -16.63 -30.41
N THR D 63 20.98 -17.41 -29.48
CA THR D 63 20.16 -18.23 -28.60
C THR D 63 19.24 -17.38 -27.71
N LEU D 64 19.80 -16.33 -27.08
CA LEU D 64 18.98 -15.50 -26.21
C LEU D 64 17.84 -14.86 -26.98
N THR D 65 18.09 -14.40 -28.21
CA THR D 65 17.03 -13.85 -29.04
C THR D 65 15.89 -14.85 -29.22
N LYS D 66 16.22 -16.11 -29.52
CA LYS D 66 15.17 -17.11 -29.70
C LYS D 66 14.44 -17.40 -28.40
N LEU D 67 15.15 -17.36 -27.26
CA LEU D 67 14.49 -17.60 -25.99
C LEU D 67 13.57 -16.45 -25.64
N GLN D 68 13.97 -15.22 -25.96
CA GLN D 68 13.12 -14.07 -25.64
C GLN D 68 11.91 -14.01 -26.55
N ILE D 69 12.04 -14.50 -27.79
CA ILE D 69 10.86 -14.63 -28.64
C ILE D 69 9.86 -15.60 -28.01
N GLU D 70 10.36 -16.68 -27.39
CA GLU D 70 9.49 -17.61 -26.67
C GLU D 70 8.84 -16.95 -25.46
N LEU D 71 9.57 -16.07 -24.76
CA LEU D 71 9.00 -15.36 -23.62
C LEU D 71 7.93 -14.36 -24.02
N VAL D 72 8.01 -13.77 -25.21
CA VAL D 72 6.87 -12.99 -25.74
C VAL D 72 5.62 -13.87 -25.80
N LYS D 73 5.76 -15.06 -26.40
CA LYS D 73 4.66 -16.02 -26.41
C LYS D 73 4.17 -16.33 -25.00
N VAL D 74 5.09 -16.52 -24.06
CA VAL D 74 4.67 -16.77 -22.68
C VAL D 74 3.81 -15.62 -22.16
N GLN D 75 4.26 -14.38 -22.37
CA GLN D 75 3.49 -13.23 -21.86
C GLN D 75 2.11 -13.16 -22.48
N PHE D 76 2.02 -13.38 -23.79
CA PHE D 76 0.70 -13.35 -24.44
C PHE D 76 -0.21 -14.45 -23.88
N TRP D 77 0.35 -15.63 -23.65
CA TRP D 77 -0.42 -16.72 -23.06
C TRP D 77 -0.83 -16.41 -21.63
N GLN D 79 -1.36 -13.41 -20.38
CA GLN D 79 -2.41 -12.41 -20.44
C GLN D 79 -3.75 -13.06 -20.75
N ALA D 80 -3.76 -14.00 -21.69
CA ALA D 80 -5.02 -14.62 -22.11
C ALA D 80 -5.58 -15.55 -21.05
N THR D 81 -4.72 -16.27 -20.33
CA THR D 81 -5.17 -17.23 -19.34
C THR D 81 -5.27 -16.67 -17.93
N GLY D 82 -4.63 -15.54 -17.68
CA GLY D 82 -4.53 -15.07 -16.33
C GLY D 82 -3.44 -15.72 -15.51
N LYS D 83 -2.66 -16.64 -16.10
CA LYS D 83 -1.62 -17.37 -15.37
C LYS D 83 -0.60 -16.41 -14.76
N ARG D 84 -0.09 -16.77 -13.60
CA ARG D 84 0.87 -15.94 -12.88
C ARG D 84 2.16 -16.71 -12.60
N VAL D 85 3.30 -16.00 -12.66
CA VAL D 85 4.60 -16.61 -12.44
C VAL D 85 5.38 -15.75 -11.45
N ALA D 87 9.41 -15.68 -10.00
CA ALA D 87 10.76 -16.19 -10.21
C ALA D 87 11.69 -15.58 -9.18
N VAL D 88 12.20 -16.40 -8.27
CA VAL D 88 13.09 -15.96 -7.19
C VAL D 88 14.53 -16.16 -7.61
N PHE D 89 15.36 -15.14 -7.42
CA PHE D 89 16.78 -15.23 -7.75
C PHE D 89 17.62 -15.01 -6.50
N GLU D 90 18.45 -16.00 -6.15
CA GLU D 90 19.40 -15.95 -5.05
C GLU D 90 20.71 -16.56 -5.54
N GLY D 91 21.76 -16.46 -4.74
CA GLY D 91 23.03 -17.07 -5.10
C GLY D 91 24.19 -16.44 -4.35
N ARG D 92 25.39 -16.76 -4.82
CA ARG D 92 26.59 -16.13 -4.28
C ARG D 92 26.59 -14.66 -4.66
N ASP D 93 27.11 -13.82 -3.78
CA ASP D 93 27.27 -12.43 -4.16
C ASP D 93 28.15 -12.37 -5.41
N ALA D 94 27.73 -11.52 -6.35
CA ALA D 94 28.33 -11.34 -7.67
C ALA D 94 28.06 -12.50 -8.63
N ALA D 95 27.11 -13.38 -8.33
CA ALA D 95 26.83 -14.49 -9.23
C ALA D 95 26.13 -14.06 -10.51
N GLY D 96 25.52 -12.88 -10.54
CA GLY D 96 24.84 -12.42 -11.73
C GLY D 96 23.34 -12.53 -11.73
N LYS D 97 22.70 -12.41 -10.55
CA LYS D 97 21.23 -12.47 -10.48
C LYS D 97 20.58 -11.37 -11.31
N GLY D 98 21.09 -10.14 -11.22
CA GLY D 98 20.47 -9.06 -11.96
C GLY D 98 20.63 -9.25 -13.44
N GLY D 99 21.75 -9.83 -13.86
CA GLY D 99 21.94 -10.14 -15.26
C GLY D 99 20.94 -11.16 -15.76
N ALA D 100 20.67 -12.21 -14.97
CA ALA D 100 19.66 -13.19 -15.37
C ALA D 100 18.28 -12.54 -15.43
N ILE D 101 17.99 -11.60 -14.53
CA ILE D 101 16.70 -10.94 -14.55
C ILE D 101 16.57 -10.05 -15.77
N HIS D 102 17.61 -9.28 -16.11
N HIS D 102 17.63 -9.27 -16.08
CA HIS D 102 17.47 -8.43 -17.29
CA HIS D 102 17.62 -8.41 -17.26
C HIS D 102 17.36 -9.26 -18.56
C HIS D 102 17.39 -9.23 -18.53
N ALA D 103 18.03 -10.41 -18.64
CA ALA D 103 17.89 -11.22 -19.84
C ALA D 103 16.48 -11.79 -19.98
N THR D 104 15.78 -11.96 -18.87
CA THR D 104 14.40 -12.45 -18.95
C THR D 104 13.44 -11.34 -19.35
N THR D 105 13.65 -10.13 -18.83
CA THR D 105 12.65 -9.06 -18.96
C THR D 105 12.95 -8.07 -20.08
N ALA D 106 14.10 -8.18 -20.74
CA ALA D 106 14.52 -7.17 -21.72
C ALA D 106 13.43 -6.87 -22.75
N ASN D 107 12.75 -7.91 -23.23
CA ASN D 107 11.73 -7.75 -24.24
C ASN D 107 10.36 -8.20 -23.74
N ASN D 109 6.85 -6.80 -21.48
CA ASN D 109 6.07 -5.60 -21.23
C ASN D 109 6.25 -5.20 -19.77
N PRO D 110 6.80 -4.04 -19.46
CA PRO D 110 7.02 -3.70 -18.04
C PRO D 110 5.73 -3.47 -17.26
N ARG D 111 4.57 -3.39 -17.93
CA ARG D 111 3.31 -3.28 -17.21
C ARG D 111 2.80 -4.64 -16.71
N SER D 112 3.30 -5.76 -17.22
CA SER D 112 2.90 -7.07 -16.72
C SER D 112 4.05 -7.90 -16.17
N ALA D 113 5.29 -7.51 -16.41
CA ALA D 113 6.46 -8.18 -15.85
C ALA D 113 7.25 -7.16 -15.04
N ARG D 114 7.48 -7.46 -13.77
CA ARG D 114 8.08 -6.45 -12.91
C ARG D 114 9.02 -7.11 -11.91
N VAL D 115 9.99 -6.33 -11.44
CA VAL D 115 11.05 -6.84 -10.58
C VAL D 115 10.82 -6.31 -9.18
N VAL D 116 11.02 -7.15 -8.18
CA VAL D 116 10.97 -6.78 -6.77
C VAL D 116 12.40 -6.72 -6.27
N ALA D 117 12.80 -5.58 -5.73
CA ALA D 117 14.15 -5.39 -5.18
C ALA D 117 13.97 -4.58 -3.89
N LEU D 118 13.57 -5.25 -2.82
CA LEU D 118 13.22 -4.55 -1.59
C LEU D 118 14.48 -4.08 -0.88
N THR D 119 14.33 -3.02 -0.08
CA THR D 119 15.41 -2.52 0.76
C THR D 119 15.25 -3.10 2.16
N LYS D 120 16.15 -2.70 3.07
CA LYS D 120 16.10 -3.27 4.41
C LYS D 120 14.77 -2.90 5.08
N PRO D 121 14.24 -3.77 5.93
CA PRO D 121 12.91 -3.53 6.50
C PRO D 121 12.86 -2.33 7.43
N THR D 122 11.74 -1.60 7.36
CA THR D 122 11.46 -0.53 8.31
C THR D 122 11.18 -1.12 9.69
N GLU D 123 11.14 -0.25 10.70
CA GLU D 123 10.73 -0.72 12.01
C GLU D 123 9.39 -1.45 11.96
N THR D 124 8.43 -0.90 11.21
CA THR D 124 7.12 -1.52 11.12
C THR D 124 7.19 -2.91 10.50
N GLU D 125 7.95 -3.04 9.40
CA GLU D 125 8.13 -4.32 8.75
C GLU D 125 8.84 -5.32 9.67
N ARG D 126 9.80 -4.86 10.46
CA ARG D 126 10.48 -5.78 11.37
C ARG D 126 9.52 -6.37 12.42
N GLY D 127 8.43 -5.68 12.75
CA GLY D 127 7.44 -6.17 13.69
C GLY D 127 6.34 -7.00 13.07
N GLN D 128 6.31 -7.10 11.75
CA GLN D 128 5.33 -7.89 11.01
C GLN D 128 5.82 -9.32 10.86
N TRP D 129 4.89 -10.22 10.55
CA TRP D 129 5.20 -11.47 9.88
C TRP D 129 6.25 -11.24 8.81
N TYR D 130 7.33 -12.02 8.84
CA TYR D 130 8.42 -11.79 7.88
C TYR D 130 7.93 -11.76 6.45
N PHE D 131 6.95 -12.60 6.13
CA PHE D 131 6.55 -12.74 4.74
C PHE D 131 5.60 -11.64 4.26
N GLN D 132 5.06 -10.83 5.17
CA GLN D 132 3.99 -9.92 4.80
C GLN D 132 4.40 -8.94 3.72
N ARG D 133 5.59 -8.33 3.85
CA ARG D 133 6.00 -7.36 2.85
C ARG D 133 6.31 -8.00 1.50
N TYR D 134 6.55 -9.31 1.45
CA TYR D 134 6.69 -9.98 0.16
C TYR D 134 5.35 -10.32 -0.46
N VAL D 135 4.36 -10.66 0.38
CA VAL D 135 3.01 -10.92 -0.11
C VAL D 135 2.44 -9.68 -0.79
N ALA D 136 2.78 -8.50 -0.29
CA ALA D 136 2.34 -7.23 -0.89
C ALA D 136 2.77 -7.09 -2.35
N THR D 137 3.79 -7.82 -2.78
CA THR D 137 4.26 -7.72 -4.17
C THR D 137 3.77 -8.86 -5.06
N PHE D 138 2.89 -9.75 -4.56
CA PHE D 138 2.45 -10.93 -5.30
C PHE D 138 1.71 -10.53 -6.58
N PRO D 139 1.68 -11.41 -7.59
CA PRO D 139 1.09 -11.04 -8.88
C PRO D 139 -0.44 -11.13 -8.90
N THR D 140 -1.06 -10.19 -9.62
CA THR D 140 -2.43 -10.37 -10.05
C THR D 140 -2.42 -11.04 -11.43
N ALA D 141 -3.61 -11.25 -12.00
CA ALA D 141 -3.74 -12.05 -13.22
C ALA D 141 -2.73 -11.63 -14.29
N GLY D 142 -2.05 -12.62 -14.87
CA GLY D 142 -1.17 -12.37 -16.00
C GLY D 142 0.21 -11.85 -15.65
N GLU D 143 0.48 -11.53 -14.39
CA GLU D 143 1.75 -10.90 -14.06
C GLU D 143 2.87 -11.91 -13.89
N PHE D 144 4.08 -11.48 -14.28
CA PHE D 144 5.32 -12.23 -14.11
C PHE D 144 6.16 -11.40 -13.16
N VAL D 145 6.38 -11.88 -11.93
CA VAL D 145 7.09 -11.12 -10.91
C VAL D 145 8.43 -11.78 -10.63
N LEU D 146 9.50 -11.00 -10.68
CA LEU D 146 10.84 -11.53 -10.46
C LEU D 146 11.42 -10.90 -9.20
N PHE D 147 12.06 -11.72 -8.37
CA PHE D 147 12.62 -11.23 -7.13
C PHE D 147 14.14 -11.18 -7.21
N ASP D 148 14.69 -9.97 -7.15
CA ASP D 148 16.13 -9.74 -7.05
C ASP D 148 16.48 -9.80 -5.56
N ARG D 149 16.77 -11.03 -5.08
CA ARG D 149 16.72 -11.44 -3.68
C ARG D 149 15.26 -11.53 -3.24
N SER D 150 15.00 -12.20 -2.12
CA SER D 150 13.61 -12.59 -1.80
C SER D 150 13.47 -12.76 -0.30
N TRP D 151 12.43 -13.50 0.10
CA TRP D 151 12.33 -13.89 1.50
C TRP D 151 13.52 -14.75 1.94
N TYR D 152 14.30 -15.30 1.00
CA TYR D 152 15.47 -16.07 1.40
C TYR D 152 16.62 -15.21 1.92
N ASN D 153 16.47 -13.88 1.98
CA ASN D 153 17.39 -13.08 2.80
C ASN D 153 17.60 -13.70 4.18
N ARG D 154 16.52 -14.22 4.78
CA ARG D 154 16.64 -14.71 6.15
C ARG D 154 17.39 -16.04 6.23
N ALA D 155 17.70 -16.66 5.11
CA ALA D 155 18.51 -17.87 5.14
C ALA D 155 19.93 -17.62 4.68
N GLY D 156 20.27 -16.38 4.31
CA GLY D 156 21.61 -16.05 3.85
C GLY D 156 22.22 -14.83 4.52
N VAL D 157 22.01 -13.66 3.91
CA VAL D 157 22.66 -12.44 4.37
C VAL D 157 22.28 -12.10 5.81
N GLU D 158 21.01 -12.29 6.19
CA GLU D 158 20.61 -11.92 7.56
C GLU D 158 21.31 -12.75 8.63
N PRO D 159 21.24 -14.09 8.63
CA PRO D 159 21.96 -14.83 9.67
C PRO D 159 23.49 -14.70 9.58
N VAL D 160 24.05 -14.52 8.39
CA VAL D 160 25.51 -14.39 8.34
C VAL D 160 25.95 -13.06 8.96
N GLY D 162 24.14 -11.14 11.04
CA GLY D 162 23.53 -10.88 12.33
C GLY D 162 22.34 -9.97 12.31
N PHE D 163 21.68 -9.82 11.16
CA PHE D 163 20.47 -9.01 11.07
C PHE D 163 19.22 -9.75 11.51
N CYS D 164 19.33 -11.04 11.82
CA CYS D 164 18.25 -11.78 12.45
C CYS D 164 18.88 -12.68 13.50
N THR D 165 18.06 -13.12 14.45
CA THR D 165 18.54 -13.99 15.49
C THR D 165 18.55 -15.44 15.02
N PRO D 166 19.27 -16.32 15.71
CA PRO D 166 19.20 -17.75 15.38
C PRO D 166 17.78 -18.32 15.44
N ASP D 167 16.97 -17.90 16.41
CA ASP D 167 15.58 -18.37 16.46
C ASP D 167 14.82 -17.94 15.21
N GLN D 168 15.02 -16.71 14.76
CA GLN D 168 14.35 -16.24 13.54
C GLN D 168 14.82 -17.03 12.33
N TYR D 169 16.12 -17.36 12.28
CA TYR D 169 16.69 -18.16 11.20
C TYR D 169 16.01 -19.53 11.12
N GLU D 170 16.03 -20.27 12.23
CA GLU D 170 15.40 -21.58 12.29
C GLU D 170 13.92 -21.52 11.98
N GLN D 171 13.25 -20.46 12.45
CA GLN D 171 11.83 -20.32 12.17
C GLN D 171 11.58 -20.16 10.67
N PHE D 172 12.43 -19.39 9.99
CA PHE D 172 12.26 -19.19 8.56
C PHE D 172 12.39 -20.49 7.80
N LEU D 173 13.42 -21.28 8.13
CA LEU D 173 13.62 -22.54 7.44
C LEU D 173 12.39 -23.43 7.54
N LYS D 174 11.68 -23.38 8.67
CA LYS D 174 10.48 -24.19 8.83
C LYS D 174 9.27 -23.57 8.11
N GLU D 175 9.22 -22.25 8.03
CA GLU D 175 8.02 -21.61 7.50
C GLU D 175 8.06 -21.39 6.00
N ALA D 176 9.24 -21.22 5.41
CA ALA D 176 9.31 -21.01 3.97
C ALA D 176 8.68 -22.14 3.17
N PRO D 177 8.85 -23.42 3.51
CA PRO D 177 8.13 -24.45 2.76
C PRO D 177 6.61 -24.32 2.85
N ARG D 178 6.10 -23.91 4.02
CA ARG D 178 4.66 -23.73 4.17
C ARG D 178 4.17 -22.56 3.32
N PHE D 179 4.97 -21.49 3.27
CA PHE D 179 4.65 -20.32 2.45
C PHE D 179 4.54 -20.71 0.99
N GLU D 180 5.51 -21.49 0.50
CA GLU D 180 5.54 -21.86 -0.90
C GLU D 180 4.50 -22.93 -1.23
N GLU D 181 4.07 -23.71 -0.24
CA GLU D 181 2.95 -24.61 -0.45
C GLU D 181 1.68 -23.83 -0.80
N ILE D 183 1.59 -20.73 -2.09
CA ILE D 183 1.81 -20.16 -3.43
C ILE D 183 1.47 -21.19 -4.51
N ALA D 184 2.01 -22.41 -4.39
CA ALA D 184 1.80 -23.42 -5.41
C ALA D 184 0.34 -23.85 -5.47
N ASN D 185 -0.29 -24.03 -4.32
CA ASN D 185 -1.68 -24.44 -4.31
C ASN D 185 -2.57 -23.39 -4.94
N GLU D 186 -2.18 -22.12 -4.86
CA GLU D 186 -2.92 -21.03 -5.48
C GLU D 186 -2.80 -21.06 -7.00
N GLY D 187 -1.84 -21.80 -7.55
CA GLY D 187 -1.67 -21.88 -8.98
C GLY D 187 -0.70 -20.87 -9.55
N ILE D 188 -0.01 -20.12 -8.71
CA ILE D 188 1.12 -19.31 -9.13
C ILE D 188 2.30 -20.24 -9.39
N HIS D 189 2.91 -20.13 -10.57
CA HIS D 189 4.09 -20.94 -10.82
C HIS D 189 5.34 -20.30 -10.19
N LEU D 190 5.94 -20.98 -9.23
CA LEU D 190 7.08 -20.42 -8.51
C LEU D 190 8.34 -21.10 -8.98
N PHE D 191 9.27 -20.30 -9.51
CA PHE D 191 10.62 -20.76 -9.79
C PHE D 191 11.55 -20.19 -8.73
N LYS D 192 12.50 -21.00 -8.27
CA LYS D 192 13.58 -20.54 -7.40
C LYS D 192 14.92 -20.89 -8.02
N PHE D 193 15.77 -19.88 -8.22
CA PHE D 193 17.06 -20.09 -8.86
C PHE D 193 18.17 -19.72 -7.89
N TRP D 194 19.04 -20.67 -7.60
CA TRP D 194 20.30 -20.39 -6.89
C TRP D 194 21.43 -20.35 -7.91
N ILE D 195 22.02 -19.18 -8.12
CA ILE D 195 23.16 -19.04 -9.01
C ILE D 195 24.43 -19.10 -8.18
N ASN D 196 25.22 -20.15 -8.39
CA ASN D 196 26.47 -20.38 -7.68
C ASN D 196 27.66 -19.93 -8.52
N ILE D 197 28.73 -19.49 -7.86
CA ILE D 197 30.01 -19.29 -8.52
C ILE D 197 31.12 -19.80 -7.61
N GLY D 198 32.29 -20.01 -8.20
CA GLY D 198 33.47 -20.43 -7.45
C GLY D 198 34.07 -19.27 -6.67
N ARG D 199 34.85 -19.63 -5.64
CA ARG D 199 35.38 -18.60 -4.75
C ARG D 199 36.25 -17.61 -5.51
N GLU D 200 37.10 -18.11 -6.39
CA GLU D 200 37.97 -17.22 -7.14
C GLU D 200 37.20 -16.45 -8.19
N GLN D 202 34.26 -15.32 -7.64
CA GLN D 202 33.65 -14.22 -6.89
C GLN D 202 34.67 -13.10 -6.64
N LEU D 203 35.88 -13.46 -6.25
CA LEU D 203 36.93 -12.46 -6.06
C LEU D 203 37.22 -11.72 -7.35
N LYS D 204 37.32 -12.44 -8.47
CA LYS D 204 37.55 -11.80 -9.77
C LYS D 204 36.44 -10.79 -10.09
N ARG D 205 35.18 -11.18 -9.93
CA ARG D 205 34.09 -10.26 -10.26
C ARG D 205 34.06 -9.07 -9.32
N PHE D 206 34.27 -9.30 -8.03
CA PHE D 206 34.42 -8.21 -7.08
C PHE D 206 35.51 -7.25 -7.53
N HIS D 207 36.67 -7.81 -7.91
CA HIS D 207 37.78 -6.96 -8.38
C HIS D 207 37.39 -6.21 -9.65
N ASP D 208 36.73 -6.91 -10.58
CA ASP D 208 36.31 -6.27 -11.82
C ASP D 208 35.34 -5.12 -11.55
N ARG D 209 34.39 -5.35 -10.65
CA ARG D 209 33.44 -4.30 -10.33
C ARG D 209 34.11 -3.10 -9.69
N ARG D 210 35.03 -3.35 -8.75
CA ARG D 210 35.68 -2.26 -8.04
C ARG D 210 36.43 -1.33 -9.00
N HIS D 211 36.98 -1.86 -10.09
CA HIS D 211 37.88 -1.09 -10.94
C HIS D 211 37.26 -0.70 -12.27
N ASP D 212 35.94 -0.82 -12.40
CA ASP D 212 35.22 -0.34 -13.58
C ASP D 212 34.27 0.75 -13.14
N PRO D 213 34.50 2.01 -13.56
CA PRO D 213 33.62 3.10 -13.10
C PRO D 213 32.15 2.89 -13.46
N LEU D 214 31.87 2.03 -14.44
CA LEU D 214 30.50 1.78 -14.85
C LEU D 214 29.79 0.76 -13.97
N LYS D 215 30.54 -0.12 -13.30
CA LYS D 215 29.97 -1.21 -12.53
C LYS D 215 30.28 -1.11 -11.04
N ILE D 216 31.02 -0.10 -10.59
CA ILE D 216 31.33 0.00 -9.16
C ILE D 216 30.07 0.14 -8.32
N TRP D 217 28.95 0.55 -8.91
CA TRP D 217 27.68 0.58 -8.19
C TRP D 217 27.21 -0.81 -7.76
N LYS D 218 27.77 -1.86 -8.35
CA LYS D 218 27.40 -3.22 -8.00
C LYS D 218 28.03 -3.70 -6.69
N LEU D 219 28.98 -2.94 -6.15
CA LEU D 219 29.59 -3.29 -4.87
C LEU D 219 28.86 -2.60 -3.73
N SER D 220 28.86 -3.24 -2.57
CA SER D 220 28.17 -2.73 -1.40
C SER D 220 28.95 -3.14 -0.17
N PRO D 221 28.76 -2.44 0.95
CA PRO D 221 29.36 -2.92 2.21
C PRO D 221 29.03 -4.37 2.50
N ASP D 223 28.73 -6.75 0.19
CA ASP D 223 29.70 -7.49 -0.62
C ASP D 223 31.08 -7.50 0.04
N ILE D 224 31.52 -6.34 0.54
CA ILE D 224 32.83 -6.25 1.19
C ILE D 224 32.91 -7.20 2.37
N ALA D 225 31.86 -7.22 3.20
CA ALA D 225 31.84 -8.12 4.36
C ALA D 225 31.78 -9.59 3.92
N ALA D 226 31.11 -9.87 2.80
CA ALA D 226 31.03 -11.24 2.28
C ALA D 226 32.41 -11.85 2.07
N LEU D 227 33.41 -11.03 1.77
CA LEU D 227 34.76 -11.53 1.50
C LEU D 227 35.22 -12.50 2.58
N SER D 228 35.15 -12.07 3.83
CA SER D 228 35.64 -12.84 4.96
C SER D 228 34.68 -13.94 5.42
N LYS D 229 33.55 -14.10 4.74
CA LYS D 229 32.45 -14.93 5.27
C LYS D 229 32.08 -16.04 4.31
N TRP D 230 33.01 -16.40 3.41
CA TRP D 230 32.69 -17.36 2.36
C TRP D 230 32.20 -18.68 2.94
N ASP D 231 32.86 -19.18 4.00
CA ASP D 231 32.51 -20.48 4.57
C ASP D 231 31.16 -20.43 5.27
N ASP D 232 30.85 -19.31 5.94
CA ASP D 232 29.51 -19.14 6.51
C ASP D 232 28.44 -19.21 5.44
N TYR D 233 28.64 -18.50 4.32
CA TYR D 233 27.66 -18.53 3.24
C TYR D 233 27.54 -19.91 2.62
N THR D 234 28.65 -20.65 2.56
CA THR D 234 28.60 -22.02 2.02
C THR D 234 27.67 -22.89 2.85
N GLY D 235 27.88 -22.92 4.17
CA GLY D 235 26.97 -23.68 5.02
C GLY D 235 25.54 -23.17 4.94
N LYS D 236 25.36 -21.86 4.95
CA LYS D 236 24.00 -21.32 4.88
C LYS D 236 23.32 -21.72 3.59
N ARG D 237 24.09 -21.75 2.49
CA ARG D 237 23.54 -22.20 1.22
C ARG D 237 23.09 -23.66 1.32
N ASP D 238 23.94 -24.51 1.86
CA ASP D 238 23.66 -25.95 1.87
C ASP D 238 22.48 -26.28 2.75
N ARG D 239 22.43 -25.67 3.93
CA ARG D 239 21.27 -25.84 4.81
C ARG D 239 20.00 -25.42 4.11
N LEU D 241 19.32 -25.08 0.88
CA LEU D 241 18.95 -25.98 -0.21
C LEU D 241 18.37 -27.29 0.33
N LYS D 242 18.97 -27.82 1.39
CA LYS D 242 18.48 -29.07 1.95
C LYS D 242 17.08 -28.92 2.58
N GLU D 243 16.86 -27.83 3.33
CA GLU D 243 15.64 -27.71 4.12
C GLU D 243 14.46 -27.11 3.38
N THR D 244 14.69 -26.33 2.33
CA THR D 244 13.60 -25.66 1.63
C THR D 244 13.40 -26.12 0.19
N HIS D 245 14.12 -27.13 -0.27
CA HIS D 245 13.84 -27.75 -1.57
C HIS D 245 12.71 -28.75 -1.37
N THR D 246 11.54 -28.45 -1.91
CA THR D 246 10.37 -29.30 -1.72
C THR D 246 9.67 -29.51 -3.04
N GLU D 247 8.69 -30.42 -3.01
CA GLU D 247 7.91 -30.67 -4.21
C GLU D 247 7.18 -29.42 -4.65
N HIS D 248 6.59 -28.68 -3.71
CA HIS D 248 5.88 -27.45 -4.06
C HIS D 248 6.82 -26.29 -4.34
N GLY D 249 8.05 -26.34 -3.81
CA GLY D 249 9.03 -25.31 -4.04
C GLY D 249 10.40 -25.89 -4.30
N PRO D 250 10.63 -26.39 -5.52
CA PRO D 250 11.94 -26.93 -5.87
C PRO D 250 12.95 -25.82 -6.18
N TRP D 251 14.21 -26.10 -5.85
CA TRP D 251 15.32 -25.21 -6.16
C TRP D 251 15.99 -25.68 -7.45
N ALA D 252 16.11 -24.78 -8.41
CA ALA D 252 16.96 -24.95 -9.58
C ALA D 252 18.32 -24.34 -9.25
N VAL D 253 19.38 -25.12 -9.38
CA VAL D 253 20.71 -24.72 -8.93
C VAL D 253 21.64 -24.60 -10.14
N ILE D 254 22.33 -23.46 -10.26
CA ILE D 254 23.08 -23.10 -11.45
C ILE D 254 24.57 -22.99 -11.13
N ARG D 255 25.41 -23.60 -11.97
CA ARG D 255 26.83 -23.25 -12.04
C ARG D 255 26.96 -22.02 -12.93
N GLY D 256 27.22 -20.88 -12.31
CA GLY D 256 27.15 -19.60 -12.99
C GLY D 256 28.47 -18.94 -13.36
N ASN D 257 29.57 -19.69 -13.36
CA ASN D 257 30.85 -19.09 -13.71
C ASN D 257 30.83 -18.42 -15.07
N ASP D 258 30.08 -18.98 -16.02
CA ASP D 258 29.85 -18.35 -17.31
C ASP D 258 28.47 -17.71 -17.29
N LYS D 259 28.43 -16.37 -17.23
CA LYS D 259 27.14 -15.68 -17.12
C LYS D 259 26.26 -15.93 -18.35
N ARG D 260 26.85 -16.21 -19.51
CA ARG D 260 26.06 -16.43 -20.70
C ARG D 260 25.32 -17.77 -20.61
N ARG D 261 26.02 -18.80 -20.12
CA ARG D 261 25.37 -20.09 -19.94
C ARG D 261 24.36 -20.06 -18.81
N SER D 262 24.61 -19.27 -17.76
CA SER D 262 23.65 -19.14 -16.67
C SER D 262 22.33 -18.52 -17.16
N ARG D 263 22.43 -17.42 -17.90
CA ARG D 263 21.24 -16.73 -18.38
C ARG D 263 20.41 -17.63 -19.29
N ILE D 264 21.08 -18.32 -20.21
CA ILE D 264 20.36 -19.14 -21.19
C ILE D 264 19.65 -20.31 -20.51
N ASN D 265 20.29 -20.95 -19.54
CA ASN D 265 19.66 -22.13 -18.98
C ASN D 265 18.58 -21.77 -17.96
N VAL D 266 18.74 -20.65 -17.26
CA VAL D 266 17.66 -20.11 -16.43
C VAL D 266 16.40 -19.97 -17.28
N ILE D 267 16.51 -19.28 -18.41
CA ILE D 267 15.32 -19.01 -19.23
C ILE D 267 14.81 -20.31 -19.84
N ARG D 268 15.71 -21.17 -20.31
CA ARG D 268 15.30 -22.48 -20.83
C ARG D 268 14.50 -23.27 -19.82
N HIS D 269 14.96 -23.27 -18.56
CA HIS D 269 14.25 -24.01 -17.52
C HIS D 269 12.81 -23.53 -17.38
N LEU D 271 10.97 -21.88 -19.61
CA LEU D 271 10.22 -22.21 -20.83
C LEU D 271 9.80 -23.68 -20.85
N THR D 272 10.72 -24.58 -20.43
CA THR D 272 10.38 -26.00 -20.38
C THR D 272 9.23 -26.28 -19.42
N LYS D 273 9.23 -25.63 -18.26
CA LYS D 273 8.23 -25.95 -17.24
C LYS D 273 6.87 -25.32 -17.53
N LEU D 274 6.78 -24.33 -18.42
CA LEU D 274 5.52 -23.63 -18.70
C LEU D 274 4.87 -24.17 -19.97
N ASP D 275 3.59 -24.51 -19.88
CA ASP D 275 2.87 -25.14 -20.99
C ASP D 275 2.11 -24.08 -21.80
N TYR D 276 2.86 -23.25 -22.51
CA TYR D 276 2.32 -22.05 -23.13
C TYR D 276 2.03 -22.24 -24.62
N ASP D 277 1.03 -21.50 -25.09
CA ASP D 277 0.58 -21.56 -26.48
C ASP D 277 1.69 -21.15 -27.44
N GLY D 278 1.88 -21.96 -28.48
CA GLY D 278 2.86 -21.65 -29.49
C GLY D 278 4.26 -22.12 -29.16
N LYS D 279 4.41 -22.92 -28.11
CA LYS D 279 5.73 -23.36 -27.67
C LYS D 279 6.46 -24.08 -28.81
N ASP D 280 7.70 -23.67 -29.06
CA ASP D 280 8.57 -24.29 -30.07
C ASP D 280 9.79 -24.87 -29.34
N GLU D 281 9.78 -26.20 -29.17
CA GLU D 281 10.83 -26.85 -28.40
C GLU D 281 12.19 -26.74 -29.09
N ALA D 282 12.22 -26.75 -30.43
CA ALA D 282 13.48 -26.56 -31.14
C ALA D 282 14.08 -25.19 -30.80
N ALA D 283 13.24 -24.16 -30.63
CA ALA D 283 13.73 -22.85 -30.23
C ALA D 283 14.28 -22.86 -28.82
N ILE D 284 13.67 -23.65 -27.93
CA ILE D 284 14.08 -23.66 -26.54
C ILE D 284 15.41 -24.40 -26.39
N GLY D 285 15.56 -25.52 -27.09
CA GLY D 285 16.70 -26.37 -26.89
C GLY D 285 16.58 -27.15 -25.59
N GLU D 286 17.69 -27.78 -25.22
CA GLU D 286 17.77 -28.59 -24.02
C GLU D 286 18.43 -27.78 -22.92
N VAL D 287 17.86 -27.87 -21.71
CA VAL D 287 18.55 -27.35 -20.55
C VAL D 287 19.86 -28.10 -20.42
N ASP D 288 20.94 -27.36 -20.15
CA ASP D 288 22.25 -27.97 -20.01
C ASP D 288 22.37 -28.54 -18.61
N GLU D 289 22.25 -29.86 -18.49
CA GLU D 289 22.27 -30.51 -17.19
C GLU D 289 23.64 -30.45 -16.51
N LYS D 290 24.68 -30.03 -17.22
CA LYS D 290 25.95 -29.75 -16.58
C LYS D 290 25.97 -28.39 -15.91
N ILE D 291 25.03 -27.52 -16.28
CA ILE D 291 24.95 -26.16 -15.77
C ILE D 291 23.83 -26.00 -14.75
N LEU D 292 22.67 -26.60 -15.02
CA LEU D 292 21.47 -26.41 -14.20
C LEU D 292 21.02 -27.75 -13.64
N GLY D 293 20.99 -27.86 -12.31
CA GLY D 293 20.55 -29.06 -11.62
C GLY D 293 19.43 -28.80 -10.63
N SER D 294 19.06 -29.80 -9.83
CA SER D 294 17.87 -29.72 -9.00
C SER D 294 18.21 -30.07 -7.56
N GLY D 295 17.99 -29.12 -6.65
CA GLY D 295 18.09 -29.36 -5.23
C GLY D 295 19.51 -29.53 -4.72
N PRO D 296 19.64 -30.05 -3.50
CA PRO D 296 20.96 -30.28 -2.93
C PRO D 296 21.70 -31.39 -3.67
N GLY D 297 23.01 -31.40 -3.51
CA GLY D 297 23.85 -32.40 -4.12
C GLY D 297 24.34 -32.07 -5.52
N PHE D 298 23.65 -31.20 -6.25
CA PHE D 298 24.17 -30.79 -7.55
C PHE D 298 25.54 -30.13 -7.41
N LEU D 299 25.69 -29.25 -6.42
CA LEU D 299 26.95 -28.54 -6.21
C LEU D 299 27.84 -29.29 -5.23
N ARG D 300 29.15 -29.15 -5.43
CA ARG D 300 30.13 -29.60 -4.46
C ARG D 300 29.95 -28.76 -3.19
#